data_2L00
#
_entry.id   2L00
#
loop_
_entity.id
_entity.type
_entity.pdbx_description
1 polymer 'Zfand5 protein (Zinc finger protein 216 (Predicted), isoform CRA_a)'
2 polymer Ubiquitin
3 non-polymer 'ZINC ION'
#
loop_
_entity_poly.entity_id
_entity_poly.type
_entity_poly.pdbx_seq_one_letter_code
_entity_poly.pdbx_strand_id
1 'polypeptide(L)' GSMAQETNQTPGPMLCSTGCGFYGNPRTNGMCSVCYKEHLQRQQNSGRMSPMGTASGSNSPT A
2 'polypeptide(L)' MQIFVKTLTGKTITLEVESSDTIDNVKSKIQDKEGIPPDQQRLIFAGKQLEDGRTLSDYNIQKESTLHLVLRLRGG B
#
loop_
_chem_comp.id
_chem_comp.type
_chem_comp.name
_chem_comp.formula
ZN non-polymer 'ZINC ION' 'Zn 2'
#
# COMPACT_ATOMS: atom_id res chain seq x y z
N GLY A 12 -17.41 -4.50 -0.15
CA GLY A 12 -16.10 -5.06 -0.45
C GLY A 12 -15.13 -4.01 -0.96
N PRO A 13 -14.94 -3.88 -2.30
CA PRO A 13 -14.02 -2.88 -2.85
C PRO A 13 -14.53 -1.46 -2.67
N MET A 14 -14.35 -0.93 -1.45
CA MET A 14 -14.79 0.43 -1.13
C MET A 14 -13.88 1.45 -1.81
N LEU A 15 -14.15 1.72 -3.09
CA LEU A 15 -13.35 2.67 -3.86
C LEU A 15 -13.69 4.10 -3.45
N CYS A 16 -12.68 4.98 -3.45
CA CYS A 16 -12.84 6.39 -3.06
C CYS A 16 -14.11 7.05 -3.63
N SER A 17 -14.85 7.73 -2.75
CA SER A 17 -16.08 8.41 -3.14
C SER A 17 -15.81 9.57 -4.12
N THR A 18 -14.65 10.22 -3.96
CA THR A 18 -14.29 11.34 -4.83
C THR A 18 -13.91 10.88 -6.25
N GLY A 19 -13.69 9.57 -6.44
CA GLY A 19 -13.34 9.05 -7.77
C GLY A 19 -11.89 9.37 -8.14
N CYS A 20 -10.97 9.20 -7.19
CA CYS A 20 -9.56 9.48 -7.45
C CYS A 20 -8.84 8.30 -8.14
N GLY A 21 -9.48 7.12 -8.16
CA GLY A 21 -8.88 5.94 -8.82
C GLY A 21 -8.14 5.02 -7.83
N PHE A 22 -8.20 5.32 -6.54
CA PHE A 22 -7.52 4.51 -5.52
C PHE A 22 -8.53 3.86 -4.59
N TYR A 23 -8.04 2.97 -3.72
CA TYR A 23 -8.90 2.27 -2.78
C TYR A 23 -9.15 3.10 -1.53
N GLY A 24 -10.18 2.74 -0.76
CA GLY A 24 -10.52 3.45 0.46
C GLY A 24 -10.68 2.51 1.63
N ASN A 25 -10.19 2.91 2.81
CA ASN A 25 -10.29 2.08 4.00
C ASN A 25 -11.72 2.06 4.53
N PRO A 26 -12.34 0.88 4.69
CA PRO A 26 -13.74 0.79 5.21
C PRO A 26 -13.84 1.24 6.68
N ARG A 27 -12.70 1.24 7.39
CA ARG A 27 -12.67 1.69 8.79
C ARG A 27 -12.77 3.21 8.85
N THR A 28 -12.20 3.88 7.82
CA THR A 28 -12.25 5.33 7.74
C THR A 28 -13.65 5.74 7.22
N ASN A 29 -13.76 6.90 6.56
CA ASN A 29 -15.05 7.36 6.03
C ASN A 29 -15.30 6.87 4.60
N GLY A 30 -14.70 5.73 4.22
CA GLY A 30 -14.86 5.20 2.87
C GLY A 30 -13.87 5.84 1.89
N MET A 31 -12.87 6.58 2.42
CA MET A 31 -11.89 7.25 1.59
C MET A 31 -10.46 6.81 1.94
N CYS A 32 -9.54 7.05 1.02
CA CYS A 32 -8.14 6.69 1.21
C CYS A 32 -7.50 7.61 2.28
N SER A 33 -6.24 7.39 2.60
CA SER A 33 -5.56 8.20 3.63
C SER A 33 -5.31 9.64 3.19
N VAL A 34 -5.19 9.86 1.88
CA VAL A 34 -4.93 11.18 1.33
C VAL A 34 -6.15 12.10 1.36
N CYS A 35 -7.30 11.58 0.95
CA CYS A 35 -8.54 12.34 0.92
C CYS A 35 -9.21 12.45 2.29
N TYR A 36 -8.93 11.48 3.16
CA TYR A 36 -9.50 11.46 4.51
C TYR A 36 -9.15 12.71 5.32
N LYS A 37 -7.86 13.07 5.34
CA LYS A 37 -7.44 14.25 6.09
C LYS A 37 -7.90 15.52 5.39
N GLU A 38 -7.73 15.55 4.07
CA GLU A 38 -8.11 16.73 3.27
C GLU A 38 -9.57 17.12 3.49
N HIS A 39 -10.47 16.13 3.60
CA HIS A 39 -11.89 16.42 3.80
C HIS A 39 -12.22 16.65 5.28
N LEU A 40 -11.53 15.93 6.17
CA LEU A 40 -11.75 16.04 7.61
C LEU A 40 -11.43 17.46 8.12
N GLN A 41 -10.49 18.12 7.47
CA GLN A 41 -10.10 19.49 7.85
C GLN A 41 -11.24 20.48 7.64
N ARG A 42 -11.98 20.32 6.54
CA ARG A 42 -13.10 21.21 6.22
C ARG A 42 -14.34 20.84 7.03
N GLN A 43 -14.48 19.55 7.34
CA GLN A 43 -15.62 19.08 8.12
C GLN A 43 -15.44 19.44 9.60
N GLN A 44 -14.20 19.36 10.08
CA GLN A 44 -13.89 19.68 11.47
C GLN A 44 -13.94 21.19 11.71
N ASN A 45 -13.42 21.95 10.75
CA ASN A 45 -13.41 23.42 10.86
C ASN A 45 -14.82 23.98 10.83
N SER A 46 -15.65 23.44 9.94
CA SER A 46 -17.03 23.90 9.81
C SER A 46 -17.89 23.39 10.97
N MET B 1 2.09 -6.18 11.59
CA MET B 1 1.50 -7.29 10.80
C MET B 1 2.49 -7.75 9.73
N GLN B 2 2.44 -9.06 9.44
CA GLN B 2 3.27 -9.59 8.36
C GLN B 2 2.45 -9.68 7.07
N ILE B 3 3.18 -9.44 5.97
CA ILE B 3 2.62 -9.64 4.63
C ILE B 3 3.71 -10.36 3.81
N PHE B 4 3.25 -11.00 2.74
CA PHE B 4 4.15 -11.79 1.89
C PHE B 4 4.31 -11.13 0.52
N VAL B 5 5.54 -11.13 0.04
CA VAL B 5 5.89 -10.59 -1.29
C VAL B 5 6.51 -11.72 -2.11
N LYS B 6 5.68 -12.29 -2.99
CA LYS B 6 6.11 -13.35 -3.89
C LYS B 6 6.90 -12.76 -5.06
N THR B 7 8.04 -13.42 -5.32
CA THR B 7 8.84 -13.09 -6.51
C THR B 7 8.58 -14.18 -7.55
N LEU B 8 9.00 -13.90 -8.77
CA LEU B 8 8.70 -14.78 -9.93
C LEU B 8 9.60 -16.03 -10.00
N THR B 9 10.70 -15.98 -9.27
CA THR B 9 11.54 -17.17 -9.00
C THR B 9 10.74 -18.23 -8.24
N GLY B 10 9.84 -17.76 -7.37
CA GLY B 10 8.98 -18.64 -6.55
C GLY B 10 9.16 -18.35 -5.05
N LYS B 11 10.33 -17.81 -4.70
CA LYS B 11 10.64 -17.43 -3.30
C LYS B 11 9.61 -16.38 -2.82
N THR B 12 9.36 -16.44 -1.52
CA THR B 12 8.42 -15.50 -0.86
C THR B 12 9.18 -14.77 0.26
N ILE B 13 9.04 -13.44 0.20
CA ILE B 13 9.62 -12.55 1.23
C ILE B 13 8.52 -12.31 2.27
N THR B 14 8.90 -12.48 3.54
CA THR B 14 7.99 -12.10 4.64
C THR B 14 8.50 -10.77 5.22
N LEU B 15 7.56 -9.84 5.36
CA LEU B 15 7.86 -8.52 5.93
C LEU B 15 6.96 -8.22 7.13
N GLU B 16 7.57 -7.53 8.11
CA GLU B 16 6.86 -6.97 9.27
C GLU B 16 6.63 -5.47 9.00
N VAL B 17 5.36 -5.15 8.77
CA VAL B 17 4.96 -3.79 8.39
C VAL B 17 3.80 -3.26 9.24
N GLU B 18 3.46 -2.02 8.96
CA GLU B 18 2.25 -1.34 9.46
C GLU B 18 1.44 -0.87 8.24
N SER B 19 0.11 -0.76 8.43
CA SER B 19 -0.78 -0.24 7.38
C SER B 19 -0.42 1.20 6.96
N SER B 20 0.09 1.95 7.92
CA SER B 20 0.58 3.33 7.73
C SER B 20 1.90 3.46 6.94
N ASP B 21 2.58 2.35 6.72
CA ASP B 21 3.83 2.35 5.93
C ASP B 21 3.58 2.76 4.48
N THR B 22 4.41 3.71 4.04
CA THR B 22 4.42 4.15 2.64
C THR B 22 5.00 3.00 1.79
N ILE B 23 4.60 2.96 0.52
CA ILE B 23 5.13 1.97 -0.44
C ILE B 23 6.65 2.07 -0.57
N ASP B 24 7.12 3.31 -0.59
CA ASP B 24 8.57 3.60 -0.61
C ASP B 24 9.29 2.98 0.60
N ASN B 25 8.65 3.07 1.76
CA ASN B 25 9.15 2.49 3.01
C ASN B 25 9.22 0.95 2.94
N VAL B 26 8.22 0.34 2.31
CA VAL B 26 8.19 -1.12 2.07
C VAL B 26 9.35 -1.55 1.18
N LYS B 27 9.52 -0.84 0.05
CA LYS B 27 10.59 -1.13 -0.91
C LYS B 27 11.99 -1.04 -0.27
N SER B 28 12.13 -0.08 0.65
CA SER B 28 13.33 0.06 1.48
C SER B 28 13.55 -1.15 2.42
N LYS B 29 12.44 -1.66 2.96
CA LYS B 29 12.43 -2.91 3.76
C LYS B 29 12.85 -4.14 2.93
N ILE B 30 12.49 -4.13 1.65
CA ILE B 30 12.89 -5.17 0.67
C ILE B 30 14.40 -5.09 0.41
N GLN B 31 14.88 -3.86 0.22
CA GLN B 31 16.32 -3.59 0.05
C GLN B 31 17.11 -4.07 1.27
N ASP B 32 16.50 -3.91 2.44
CA ASP B 32 17.08 -4.38 3.72
C ASP B 32 17.18 -5.90 3.88
N LYS B 33 16.33 -6.64 3.16
CA LYS B 33 16.38 -8.11 3.19
C LYS B 33 17.07 -8.75 1.97
N GLU B 34 16.82 -8.19 0.80
CA GLU B 34 17.28 -8.78 -0.47
C GLU B 34 18.48 -8.07 -1.10
N GLY B 35 18.58 -6.77 -0.86
CA GLY B 35 19.64 -5.92 -1.46
C GLY B 35 19.19 -5.25 -2.76
N ILE B 36 17.93 -5.48 -3.13
CA ILE B 36 17.32 -4.92 -4.35
C ILE B 36 17.12 -3.40 -4.16
N PRO B 37 17.66 -2.61 -5.11
CA PRO B 37 17.44 -1.16 -5.16
C PRO B 37 15.95 -0.84 -5.30
N PRO B 38 15.42 0.04 -4.42
CA PRO B 38 14.00 0.44 -4.39
C PRO B 38 13.48 1.02 -5.71
N ASP B 39 14.37 1.78 -6.38
CA ASP B 39 14.07 2.40 -7.68
C ASP B 39 14.14 1.44 -8.88
N GLN B 40 14.12 0.14 -8.59
CA GLN B 40 14.04 -0.93 -9.60
C GLN B 40 12.92 -1.94 -9.28
N GLN B 41 12.15 -1.62 -8.24
CA GLN B 41 11.05 -2.48 -7.78
C GLN B 41 9.72 -1.91 -8.27
N ARG B 42 8.91 -2.83 -8.79
CA ARG B 42 7.51 -2.53 -9.17
C ARG B 42 6.60 -3.52 -8.42
N LEU B 43 5.88 -2.98 -7.44
CA LEU B 43 5.01 -3.80 -6.56
C LEU B 43 3.56 -3.76 -7.04
N ILE B 44 2.97 -4.96 -7.02
CA ILE B 44 1.57 -5.16 -7.48
C ILE B 44 0.76 -5.73 -6.32
N PHE B 45 -0.47 -5.23 -6.24
CA PHE B 45 -1.51 -5.78 -5.36
C PHE B 45 -2.89 -5.42 -5.92
N ALA B 46 -3.71 -6.45 -6.06
CA ALA B 46 -5.11 -6.32 -6.57
C ALA B 46 -5.16 -5.74 -8.00
N GLY B 47 -4.21 -6.18 -8.82
CA GLY B 47 -4.08 -5.77 -10.24
C GLY B 47 -3.75 -4.28 -10.43
N LYS B 48 -3.02 -3.73 -9.45
CA LYS B 48 -2.61 -2.31 -9.45
C LYS B 48 -1.11 -2.22 -9.16
N GLN B 49 -0.46 -1.30 -9.89
CA GLN B 49 0.95 -0.95 -9.60
C GLN B 49 0.98 0.07 -8.46
N LEU B 50 1.81 -0.23 -7.47
CA LEU B 50 1.87 0.58 -6.25
C LEU B 50 2.73 1.84 -6.46
N GLU B 51 2.18 2.95 -5.97
CA GLU B 51 2.76 4.28 -6.12
C GLU B 51 3.58 4.65 -4.89
N ASP B 52 4.80 5.12 -5.13
CA ASP B 52 5.78 5.40 -4.05
C ASP B 52 5.24 6.30 -2.92
N GLY B 53 4.57 7.40 -3.32
CA GLY B 53 4.00 8.38 -2.38
C GLY B 53 2.67 7.98 -1.74
N ARG B 54 2.22 6.75 -1.98
CA ARG B 54 0.99 6.22 -1.37
C ARG B 54 1.38 5.27 -0.23
N THR B 55 0.38 4.80 0.52
CA THR B 55 0.63 3.92 1.65
C THR B 55 -0.13 2.60 1.49
N LEU B 56 0.16 1.65 2.39
CA LEU B 56 -0.49 0.32 2.36
C LEU B 56 -2.02 0.40 2.53
N SER B 57 -2.44 1.32 3.40
CA SER B 57 -3.86 1.59 3.66
C SER B 57 -4.59 2.05 2.39
N ASP B 58 -3.85 2.67 1.47
CA ASP B 58 -4.42 3.19 0.21
C ASP B 58 -4.80 2.07 -0.77
N TYR B 59 -4.57 0.83 -0.36
CA TYR B 59 -4.89 -0.34 -1.19
C TYR B 59 -5.61 -1.42 -0.37
N ASN B 60 -5.70 -1.18 0.95
CA ASN B 60 -6.35 -2.11 1.89
C ASN B 60 -5.55 -3.43 2.05
N ILE B 61 -4.24 -3.29 2.02
CA ILE B 61 -3.29 -4.40 2.25
C ILE B 61 -3.31 -4.69 3.76
N GLN B 62 -3.94 -5.81 4.11
CA GLN B 62 -4.07 -6.22 5.49
C GLN B 62 -3.13 -7.39 5.81
N LYS B 63 -3.30 -7.97 7.01
CA LYS B 63 -2.46 -9.11 7.42
C LYS B 63 -2.72 -10.30 6.48
N GLU B 64 -1.64 -11.01 6.16
CA GLU B 64 -1.68 -12.23 5.32
C GLU B 64 -1.89 -11.94 3.83
N SER B 65 -1.85 -10.67 3.44
CA SER B 65 -1.95 -10.28 2.03
C SER B 65 -0.65 -10.67 1.32
N THR B 66 -0.81 -11.10 0.06
CA THR B 66 0.38 -11.40 -0.76
C THR B 66 0.37 -10.50 -2.01
N LEU B 67 1.55 -9.91 -2.20
CA LEU B 67 1.85 -9.00 -3.30
C LEU B 67 2.78 -9.74 -4.27
N HIS B 68 2.91 -9.16 -5.46
CA HIS B 68 3.84 -9.66 -6.47
C HIS B 68 4.91 -8.61 -6.79
N LEU B 69 6.08 -9.14 -7.11
CA LEU B 69 7.25 -8.33 -7.47
C LEU B 69 7.64 -8.60 -8.93
N VAL B 70 7.81 -7.49 -9.68
CA VAL B 70 8.30 -7.51 -11.04
C VAL B 70 9.64 -6.76 -10.99
N LEU B 71 10.64 -7.30 -11.68
CA LEU B 71 11.99 -6.75 -11.64
C LEU B 71 12.19 -5.78 -12.82
ZN ZN C . -9.38 9.42 -2.85
N GLY A 12 -17.75 -5.02 -0.73
CA GLY A 12 -16.38 -5.39 -0.45
C GLY A 12 -15.37 -4.34 -0.92
N PRO A 13 -15.18 -4.17 -2.25
CA PRO A 13 -14.24 -3.18 -2.77
C PRO A 13 -14.73 -1.75 -2.55
N MET A 14 -14.55 -1.26 -1.30
CA MET A 14 -14.97 0.09 -0.95
C MET A 14 -14.03 1.12 -1.58
N LEU A 15 -14.29 1.43 -2.86
CA LEU A 15 -13.48 2.39 -3.60
C LEU A 15 -13.79 3.82 -3.14
N CYS A 16 -12.77 4.68 -3.11
CA CYS A 16 -12.91 6.08 -2.66
C CYS A 16 -14.16 6.78 -3.23
N SER A 17 -14.89 7.44 -2.33
CA SER A 17 -16.11 8.15 -2.71
C SER A 17 -15.81 9.33 -3.64
N THR A 18 -14.65 9.96 -3.46
CA THR A 18 -14.27 11.11 -4.29
C THR A 18 -13.89 10.68 -5.73
N GLY A 19 -13.68 9.37 -5.96
CA GLY A 19 -13.34 8.89 -7.30
C GLY A 19 -11.89 9.20 -7.66
N CYS A 20 -10.97 8.98 -6.72
CA CYS A 20 -9.56 9.25 -6.95
C CYS A 20 -8.85 8.08 -7.67
N GLY A 21 -9.49 6.90 -7.70
CA GLY A 21 -8.91 5.73 -8.38
C GLY A 21 -8.15 4.79 -7.43
N PHE A 22 -8.18 5.07 -6.12
CA PHE A 22 -7.49 4.25 -5.14
C PHE A 22 -8.48 3.61 -4.17
N TYR A 23 -7.95 2.89 -3.18
CA TYR A 23 -8.78 2.23 -2.19
C TYR A 23 -8.85 3.03 -0.89
N GLY A 24 -10.02 3.03 -0.26
CA GLY A 24 -10.21 3.75 0.99
C GLY A 24 -10.39 2.81 2.17
N ASN A 25 -10.18 3.31 3.38
CA ASN A 25 -10.31 2.49 4.58
C ASN A 25 -11.75 2.51 5.09
N PRO A 26 -12.40 1.34 5.31
CA PRO A 26 -13.80 1.31 5.82
C PRO A 26 -13.91 1.82 7.26
N ARG A 27 -12.77 1.87 7.99
CA ARG A 27 -12.76 2.40 9.35
C ARG A 27 -12.84 3.93 9.31
N THR A 28 -12.27 4.53 8.25
CA THR A 28 -12.31 5.97 8.08
C THR A 28 -13.68 6.36 7.52
N ASN A 29 -13.79 7.47 6.79
CA ASN A 29 -15.07 7.91 6.22
C ASN A 29 -15.31 7.33 4.82
N GLY A 30 -14.71 6.18 4.52
CA GLY A 30 -14.85 5.56 3.21
C GLY A 30 -13.83 6.13 2.20
N MET A 31 -12.85 6.90 2.70
CA MET A 31 -11.85 7.51 1.84
C MET A 31 -10.43 7.08 2.23
N CYS A 32 -9.50 7.27 1.32
CA CYS A 32 -8.11 6.90 1.55
C CYS A 32 -7.48 7.87 2.56
N SER A 33 -6.16 7.79 2.78
CA SER A 33 -5.49 8.66 3.76
C SER A 33 -5.27 10.08 3.24
N VAL A 34 -5.45 10.27 1.93
CA VAL A 34 -5.24 11.56 1.30
C VAL A 34 -6.47 12.47 1.38
N CYS A 35 -7.65 11.91 1.13
CA CYS A 35 -8.91 12.65 1.16
C CYS A 35 -9.48 12.79 2.57
N TYR A 36 -9.11 11.87 3.45
CA TYR A 36 -9.60 11.87 4.84
C TYR A 36 -9.22 13.16 5.58
N LYS A 37 -7.94 13.55 5.50
CA LYS A 37 -7.48 14.76 6.18
C LYS A 37 -8.01 15.99 5.47
N GLU A 38 -7.93 15.99 4.14
CA GLU A 38 -8.40 17.12 3.32
C GLU A 38 -9.84 17.49 3.63
N HIS A 39 -10.71 16.50 3.84
CA HIS A 39 -12.12 16.78 4.12
C HIS A 39 -12.36 17.05 5.61
N LEU A 40 -11.58 16.38 6.47
CA LEU A 40 -11.71 16.54 7.92
C LEU A 40 -11.40 17.97 8.36
N GLN A 41 -10.51 18.63 7.62
CA GLN A 41 -10.11 20.01 7.94
C GLN A 41 -11.29 20.98 7.77
N ARG A 42 -12.09 20.77 6.73
CA ARG A 42 -13.24 21.63 6.45
C ARG A 42 -14.42 21.28 7.36
N GLN A 43 -14.52 19.99 7.72
CA GLN A 43 -15.60 19.53 8.58
C GLN A 43 -15.33 19.95 10.03
N GLN A 44 -14.05 19.90 10.43
CA GLN A 44 -13.66 20.28 11.79
C GLN A 44 -13.72 21.79 11.98
N ASN A 45 -13.28 22.53 10.96
CA ASN A 45 -13.27 24.00 11.03
C ASN A 45 -14.71 24.54 11.07
N SER A 46 -15.58 23.96 10.25
CA SER A 46 -16.98 24.39 10.19
C SER A 46 -17.75 23.91 11.43
N MET B 1 1.18 -7.12 11.15
CA MET B 1 0.76 -8.22 10.27
C MET B 1 1.90 -8.61 9.32
N GLN B 2 1.96 -9.90 8.98
CA GLN B 2 2.95 -10.35 8.02
C GLN B 2 2.31 -10.43 6.63
N ILE B 3 3.15 -10.12 5.64
CA ILE B 3 2.80 -10.30 4.23
C ILE B 3 4.01 -10.94 3.54
N PHE B 4 3.74 -11.55 2.40
CA PHE B 4 4.78 -12.28 1.66
C PHE B 4 5.08 -11.56 0.34
N VAL B 5 6.36 -11.50 0.01
CA VAL B 5 6.84 -10.88 -1.24
C VAL B 5 7.64 -11.96 -1.99
N LYS B 6 6.95 -12.53 -2.98
CA LYS B 6 7.55 -13.53 -3.85
C LYS B 6 8.46 -12.87 -4.89
N THR B 7 9.65 -13.47 -5.02
CA THR B 7 10.59 -13.07 -6.07
C THR B 7 10.52 -14.12 -7.17
N LEU B 8 11.09 -13.77 -8.33
CA LEU B 8 10.99 -14.63 -9.52
C LEU B 8 11.95 -15.83 -9.52
N THR B 9 12.95 -15.76 -8.64
CA THR B 9 13.81 -16.91 -8.30
C THR B 9 12.96 -18.04 -7.69
N GLY B 10 11.93 -17.64 -6.94
CA GLY B 10 11.02 -18.59 -6.26
C GLY B 10 11.00 -18.34 -4.75
N LYS B 11 12.07 -17.76 -4.22
CA LYS B 11 12.17 -17.42 -2.79
C LYS B 11 11.05 -16.43 -2.41
N THR B 12 10.62 -16.55 -1.16
CA THR B 12 9.56 -15.68 -0.60
C THR B 12 10.13 -14.94 0.62
N ILE B 13 9.93 -13.63 0.59
CA ILE B 13 10.32 -12.76 1.71
C ILE B 13 9.09 -12.60 2.60
N THR B 14 9.29 -12.79 3.90
CA THR B 14 8.24 -12.50 4.89
C THR B 14 8.60 -11.16 5.56
N LEU B 15 7.60 -10.29 5.60
CA LEU B 15 7.75 -8.98 6.25
C LEU B 15 6.69 -8.76 7.33
N GLU B 16 7.12 -8.08 8.39
CA GLU B 16 6.24 -7.59 9.46
C GLU B 16 5.98 -6.11 9.21
N VAL B 17 4.72 -5.83 8.83
CA VAL B 17 4.31 -4.48 8.43
C VAL B 17 3.02 -4.04 9.14
N GLU B 18 2.66 -2.80 8.85
CA GLU B 18 1.35 -2.21 9.20
C GLU B 18 0.69 -1.73 7.91
N SER B 19 -0.65 -1.69 7.91
CA SER B 19 -1.44 -1.18 6.77
C SER B 19 -1.13 0.30 6.47
N SER B 20 -0.74 1.02 7.52
CA SER B 20 -0.33 2.44 7.46
C SER B 20 1.04 2.68 6.78
N ASP B 21 1.80 1.63 6.55
CA ASP B 21 3.12 1.76 5.88
C ASP B 21 2.96 2.26 4.45
N THR B 22 3.76 3.27 4.14
CA THR B 22 3.87 3.79 2.76
C THR B 22 4.58 2.74 1.91
N ILE B 23 4.29 2.77 0.60
CA ILE B 23 4.95 1.86 -0.36
C ILE B 23 6.47 2.06 -0.36
N ASP B 24 6.87 3.33 -0.26
CA ASP B 24 8.30 3.70 -0.15
C ASP B 24 8.96 3.04 1.08
N ASN B 25 8.21 3.02 2.19
CA ASN B 25 8.64 2.39 3.45
C ASN B 25 8.82 0.87 3.29
N VAL B 26 7.91 0.24 2.53
CA VAL B 26 7.99 -1.21 2.21
C VAL B 26 9.24 -1.50 1.39
N LYS B 27 9.46 -0.72 0.34
CA LYS B 27 10.62 -0.88 -0.55
C LYS B 27 11.96 -0.75 0.21
N SER B 28 11.96 0.15 1.20
CA SER B 28 13.08 0.30 2.14
C SER B 28 13.28 -0.94 3.02
N LYS B 29 12.17 -1.56 3.43
CA LYS B 29 12.18 -2.85 4.15
C LYS B 29 12.74 -4.00 3.29
N ILE B 30 12.48 -3.93 1.98
CA ILE B 30 13.03 -4.88 0.98
C ILE B 30 14.55 -4.69 0.86
N GLN B 31 14.97 -3.42 0.78
CA GLN B 31 16.40 -3.07 0.75
C GLN B 31 17.11 -3.59 2.01
N ASP B 32 16.40 -3.54 3.14
CA ASP B 32 16.89 -4.05 4.42
C ASP B 32 17.08 -5.57 4.49
N LYS B 33 16.34 -6.31 3.67
CA LYS B 33 16.48 -7.78 3.61
C LYS B 33 17.30 -8.30 2.42
N GLU B 34 17.11 -7.67 1.27
CA GLU B 34 17.72 -8.15 0.01
C GLU B 34 18.92 -7.34 -0.47
N GLY B 35 18.92 -6.04 -0.15
CA GLY B 35 19.97 -5.11 -0.60
C GLY B 35 19.58 -4.38 -1.90
N ILE B 36 18.37 -4.65 -2.39
CA ILE B 36 17.83 -4.05 -3.61
C ILE B 36 17.52 -2.55 -3.36
N PRO B 37 18.09 -1.69 -4.20
CA PRO B 37 17.79 -0.24 -4.18
C PRO B 37 16.29 0.00 -4.43
N PRO B 38 15.64 0.78 -3.55
CA PRO B 38 14.20 1.10 -3.62
C PRO B 38 13.76 1.73 -4.94
N ASP B 39 14.65 2.58 -5.48
CA ASP B 39 14.42 3.28 -6.77
C ASP B 39 14.65 2.40 -8.01
N GLN B 40 14.69 1.08 -7.80
CA GLN B 40 14.76 0.09 -8.89
C GLN B 40 13.68 -1.00 -8.71
N GLN B 41 12.81 -0.81 -7.74
CA GLN B 41 11.73 -1.76 -7.42
C GLN B 41 10.41 -1.23 -7.98
N ARG B 42 9.70 -2.15 -8.64
CA ARG B 42 8.32 -1.92 -9.11
C ARG B 42 7.42 -3.00 -8.50
N LEU B 43 6.59 -2.57 -7.54
CA LEU B 43 5.70 -3.47 -6.80
C LEU B 43 4.30 -3.51 -7.42
N ILE B 44 3.77 -4.73 -7.52
CA ILE B 44 2.45 -4.98 -8.10
C ILE B 44 1.56 -5.67 -7.04
N PHE B 45 0.32 -5.24 -7.05
CA PHE B 45 -0.76 -5.91 -6.29
C PHE B 45 -2.11 -5.59 -6.95
N ALA B 46 -2.85 -6.66 -7.23
CA ALA B 46 -4.21 -6.57 -7.84
C ALA B 46 -4.19 -5.81 -9.18
N GLY B 47 -3.17 -6.08 -9.97
CA GLY B 47 -2.97 -5.48 -11.32
C GLY B 47 -2.71 -3.97 -11.27
N LYS B 48 -2.06 -3.52 -10.19
CA LYS B 48 -1.73 -2.11 -9.96
C LYS B 48 -0.25 -2.00 -9.57
N GLN B 49 0.42 -1.02 -10.19
CA GLN B 49 1.79 -0.66 -9.80
C GLN B 49 1.71 0.30 -8.60
N LEU B 50 2.50 -0.03 -7.57
CA LEU B 50 2.45 0.70 -6.31
C LEU B 50 3.27 1.99 -6.38
N GLU B 51 2.67 3.06 -5.86
CA GLU B 51 3.22 4.41 -5.91
C GLU B 51 3.83 4.79 -4.56
N ASP B 52 4.99 5.41 -4.61
CA ASP B 52 5.78 5.72 -3.39
C ASP B 52 5.00 6.45 -2.29
N GLY B 53 4.25 7.49 -2.71
CA GLY B 53 3.45 8.31 -1.80
C GLY B 53 2.11 7.72 -1.36
N ARG B 54 1.86 6.46 -1.73
CA ARG B 54 0.63 5.75 -1.32
C ARG B 54 1.00 4.73 -0.24
N THR B 55 -0.01 4.20 0.44
CA THR B 55 0.21 3.24 1.53
C THR B 55 -0.47 1.90 1.23
N LEU B 56 -0.19 0.91 2.07
CA LEU B 56 -0.78 -0.44 1.92
C LEU B 56 -2.31 -0.44 1.99
N SER B 57 -2.82 0.40 2.91
CA SER B 57 -4.26 0.59 3.11
C SER B 57 -4.90 1.35 1.93
N ASP B 58 -4.05 1.98 1.11
CA ASP B 58 -4.52 2.79 -0.04
C ASP B 58 -4.65 1.96 -1.32
N TYR B 59 -4.17 0.71 -1.27
CA TYR B 59 -4.24 -0.20 -2.43
C TYR B 59 -5.06 -1.46 -2.09
N ASN B 60 -5.59 -1.49 -0.87
CA ASN B 60 -6.39 -2.61 -0.35
C ASN B 60 -5.52 -3.84 0.00
N ILE B 61 -4.23 -3.59 0.11
CA ILE B 61 -3.23 -4.59 0.53
C ILE B 61 -3.41 -4.77 2.05
N GLN B 62 -3.97 -5.90 2.42
CA GLN B 62 -4.23 -6.22 3.81
C GLN B 62 -3.25 -7.27 4.34
N LYS B 63 -3.51 -7.77 5.55
CA LYS B 63 -2.64 -8.80 6.16
C LYS B 63 -2.69 -10.07 5.30
N GLU B 64 -1.53 -10.70 5.17
CA GLU B 64 -1.38 -11.98 4.43
C GLU B 64 -1.42 -11.84 2.90
N SER B 65 -1.44 -10.60 2.42
CA SER B 65 -1.40 -10.33 0.97
C SER B 65 -0.01 -10.65 0.45
N THR B 66 0.02 -11.19 -0.78
CA THR B 66 1.31 -11.44 -1.44
C THR B 66 1.38 -10.64 -2.74
N LEU B 67 2.53 -9.97 -2.86
CA LEU B 67 2.88 -9.12 -4.00
C LEU B 67 3.98 -9.85 -4.79
N HIS B 68 4.20 -9.35 -6.00
CA HIS B 68 5.28 -9.84 -6.86
C HIS B 68 6.28 -8.73 -7.14
N LEU B 69 7.52 -9.18 -7.30
CA LEU B 69 8.66 -8.29 -7.59
C LEU B 69 9.24 -8.65 -8.97
N VAL B 70 9.41 -7.57 -9.78
CA VAL B 70 10.06 -7.67 -11.06
C VAL B 70 11.32 -6.80 -10.95
N LEU B 71 12.43 -7.30 -11.46
CA LEU B 71 13.71 -6.62 -11.32
C LEU B 71 13.98 -5.73 -12.55
ZN ZN C . -9.40 9.03 -2.35
N GLY A 12 -17.42 -4.93 -1.64
CA GLY A 12 -16.04 -5.20 -1.27
C GLY A 12 -15.07 -4.11 -1.72
N PRO A 13 -14.95 -3.87 -3.05
CA PRO A 13 -14.04 -2.84 -3.57
C PRO A 13 -14.54 -1.43 -3.24
N MET A 14 -14.34 -0.99 -1.99
CA MET A 14 -14.77 0.32 -1.55
C MET A 14 -13.88 1.41 -2.18
N LEU A 15 -14.19 1.78 -3.42
CA LEU A 15 -13.43 2.79 -4.14
C LEU A 15 -13.77 4.18 -3.61
N CYS A 16 -12.75 5.07 -3.57
CA CYS A 16 -12.91 6.45 -3.05
C CYS A 16 -14.19 7.14 -3.54
N SER A 17 -14.90 7.75 -2.58
CA SER A 17 -16.16 8.44 -2.87
C SER A 17 -15.92 9.67 -3.76
N THR A 18 -14.75 10.31 -3.59
CA THR A 18 -14.43 11.51 -4.38
C THR A 18 -14.10 11.16 -5.85
N GLY A 19 -13.87 9.87 -6.15
CA GLY A 19 -13.56 9.46 -7.53
C GLY A 19 -12.14 9.83 -7.92
N CYS A 20 -11.19 9.58 -7.02
CA CYS A 20 -9.79 9.90 -7.29
C CYS A 20 -9.09 8.79 -8.11
N GLY A 21 -9.72 7.60 -8.20
CA GLY A 21 -9.14 6.49 -8.98
C GLY A 21 -8.35 5.49 -8.11
N PHE A 22 -8.36 5.69 -6.79
CA PHE A 22 -7.63 4.80 -5.88
C PHE A 22 -8.59 4.02 -4.99
N TYR A 23 -8.05 3.11 -4.19
CA TYR A 23 -8.86 2.30 -3.30
C TYR A 23 -9.05 2.96 -1.94
N GLY A 24 -10.26 2.81 -1.36
CA GLY A 24 -10.55 3.39 -0.07
C GLY A 24 -10.72 2.34 1.00
N ASN A 25 -10.91 2.76 2.25
CA ASN A 25 -11.08 1.83 3.36
C ASN A 25 -12.46 2.01 4.00
N PRO A 26 -13.26 0.93 4.15
CA PRO A 26 -14.61 1.03 4.78
C PRO A 26 -14.53 1.39 6.27
N ARG A 27 -13.36 1.17 6.89
CA ARG A 27 -13.16 1.54 8.30
C ARG A 27 -13.13 3.06 8.45
N THR A 28 -12.52 3.73 7.47
CA THR A 28 -12.45 5.20 7.47
C THR A 28 -13.80 5.73 6.97
N ASN A 29 -13.82 6.94 6.38
CA ASN A 29 -15.07 7.53 5.88
C ASN A 29 -15.34 7.15 4.41
N GLY A 30 -14.83 5.99 3.97
CA GLY A 30 -15.01 5.56 2.59
C GLY A 30 -13.95 6.18 1.66
N MET A 31 -12.92 6.82 2.25
CA MET A 31 -11.87 7.45 1.46
C MET A 31 -10.50 6.88 1.79
N CYS A 32 -9.54 7.11 0.90
CA CYS A 32 -8.18 6.62 1.07
C CYS A 32 -7.48 7.46 2.15
N SER A 33 -6.17 7.28 2.31
CA SER A 33 -5.40 8.03 3.35
C SER A 33 -5.14 9.48 2.96
N VAL A 34 -5.30 9.80 1.68
CA VAL A 34 -5.04 11.14 1.17
C VAL A 34 -6.27 12.06 1.26
N CYS A 35 -7.42 11.56 0.86
CA CYS A 35 -8.67 12.32 0.88
C CYS A 35 -9.30 12.38 2.27
N TYR A 36 -9.01 11.37 3.09
CA TYR A 36 -9.57 11.30 4.45
C TYR A 36 -9.18 12.51 5.31
N LYS A 37 -7.89 12.87 5.32
CA LYS A 37 -7.43 14.00 6.11
C LYS A 37 -7.89 15.31 5.47
N GLU A 38 -7.75 15.39 4.15
CA GLU A 38 -8.14 16.60 3.40
C GLU A 38 -9.59 16.99 3.67
N HIS A 39 -10.49 16.00 3.76
CA HIS A 39 -11.91 16.32 4.00
C HIS A 39 -12.21 16.48 5.49
N LEU A 40 -11.50 15.71 6.33
CA LEU A 40 -11.69 15.77 7.79
C LEU A 40 -11.36 17.16 8.35
N GLN A 41 -10.42 17.86 7.70
CA GLN A 41 -10.00 19.18 8.14
C GLN A 41 -11.14 20.20 7.99
N ARG A 42 -11.89 20.09 6.89
CA ARG A 42 -13.01 21.02 6.64
C ARG A 42 -14.24 20.63 7.46
N GLN A 43 -14.39 19.32 7.72
CA GLN A 43 -15.53 18.82 8.50
C GLN A 43 -15.31 19.13 9.99
N GLN A 44 -14.06 19.01 10.43
CA GLN A 44 -13.72 19.27 11.83
C GLN A 44 -13.75 20.77 12.14
N ASN A 45 -13.23 21.57 11.20
CA ASN A 45 -13.19 23.03 11.37
C ASN A 45 -14.61 23.61 11.39
N SER A 46 -15.47 23.11 10.49
CA SER A 46 -16.85 23.59 10.41
C SER A 46 -17.69 23.04 11.56
N MET B 1 1.38 -6.90 11.18
CA MET B 1 0.93 -7.99 10.30
C MET B 1 2.07 -8.43 9.36
N GLN B 2 2.08 -9.72 9.04
CA GLN B 2 3.06 -10.21 8.08
C GLN B 2 2.44 -10.27 6.68
N ILE B 3 3.29 -9.99 5.70
CA ILE B 3 2.94 -10.18 4.29
C ILE B 3 4.14 -10.85 3.61
N PHE B 4 3.86 -11.47 2.48
CA PHE B 4 4.88 -12.22 1.75
C PHE B 4 5.21 -11.53 0.42
N VAL B 5 6.50 -11.51 0.12
CA VAL B 5 7.01 -10.92 -1.14
C VAL B 5 7.76 -12.02 -1.89
N LYS B 6 7.07 -12.57 -2.88
CA LYS B 6 7.65 -13.61 -3.74
C LYS B 6 8.59 -12.98 -4.77
N THR B 7 9.75 -13.62 -4.89
CA THR B 7 10.72 -13.25 -5.94
C THR B 7 10.62 -14.31 -7.03
N LEU B 8 11.20 -13.98 -8.19
CA LEU B 8 11.09 -14.84 -9.38
C LEU B 8 12.01 -16.07 -9.36
N THR B 9 13.00 -16.03 -8.48
CA THR B 9 13.81 -17.21 -8.13
C THR B 9 12.94 -18.31 -7.51
N GLY B 10 11.91 -17.88 -6.78
CA GLY B 10 10.96 -18.78 -6.10
C GLY B 10 10.93 -18.53 -4.58
N LYS B 11 12.02 -17.99 -4.05
CA LYS B 11 12.12 -17.64 -2.63
C LYS B 11 11.03 -16.62 -2.26
N THR B 12 10.59 -16.71 -1.01
CA THR B 12 9.56 -15.80 -0.47
C THR B 12 10.14 -15.09 0.75
N ILE B 13 9.98 -13.76 0.72
CA ILE B 13 10.39 -12.90 1.83
C ILE B 13 9.16 -12.69 2.72
N THR B 14 9.35 -12.88 4.02
CA THR B 14 8.31 -12.55 5.00
C THR B 14 8.70 -11.23 5.67
N LEU B 15 7.73 -10.32 5.70
CA LEU B 15 7.92 -9.01 6.33
C LEU B 15 6.86 -8.75 7.41
N GLU B 16 7.31 -8.08 8.47
CA GLU B 16 6.43 -7.56 9.54
C GLU B 16 6.22 -6.07 9.27
N VAL B 17 4.98 -5.74 8.89
CA VAL B 17 4.61 -4.39 8.47
C VAL B 17 3.34 -3.89 9.17
N GLU B 18 3.02 -2.64 8.87
CA GLU B 18 1.75 -2.00 9.21
C GLU B 18 1.10 -1.52 7.91
N SER B 19 -0.24 -1.43 7.91
CA SER B 19 -0.99 -0.90 6.75
C SER B 19 -0.66 0.58 6.47
N SER B 20 -0.25 1.28 7.53
CA SER B 20 0.19 2.68 7.47
C SER B 20 1.56 2.92 6.81
N ASP B 21 2.31 1.84 6.57
CA ASP B 21 3.62 1.95 5.90
C ASP B 21 3.48 2.46 4.47
N THR B 22 4.30 3.46 4.17
CA THR B 22 4.42 4.00 2.80
C THR B 22 5.10 2.93 1.94
N ILE B 23 4.82 2.99 0.63
CA ILE B 23 5.47 2.08 -0.34
C ILE B 23 7.00 2.24 -0.33
N ASP B 24 7.43 3.49 -0.22
CA ASP B 24 8.86 3.83 -0.09
C ASP B 24 9.49 3.15 1.13
N ASN B 25 8.75 3.14 2.23
CA ASN B 25 9.16 2.49 3.48
C ASN B 25 9.30 0.96 3.32
N VAL B 26 8.38 0.36 2.56
CA VAL B 26 8.43 -1.08 2.22
C VAL B 26 9.69 -1.40 1.40
N LYS B 27 9.92 -0.61 0.34
CA LYS B 27 11.09 -0.79 -0.54
C LYS B 27 12.42 -0.69 0.22
N SER B 28 12.44 0.20 1.22
CA SER B 28 13.56 0.32 2.18
C SER B 28 13.73 -0.94 3.04
N LYS B 29 12.61 -1.54 3.43
CA LYS B 29 12.58 -2.83 4.15
C LYS B 29 13.12 -3.99 3.27
N ILE B 30 12.87 -3.90 1.97
CA ILE B 30 13.40 -4.85 0.97
C ILE B 30 14.93 -4.69 0.85
N GLN B 31 15.37 -3.44 0.78
CA GLN B 31 16.81 -3.11 0.75
C GLN B 31 17.51 -3.66 2.02
N ASP B 32 16.79 -3.60 3.13
CA ASP B 32 17.27 -4.13 4.42
C ASP B 32 17.43 -5.65 4.48
N LYS B 33 16.68 -6.37 3.64
CA LYS B 33 16.79 -7.84 3.58
C LYS B 33 17.59 -8.37 2.38
N GLU B 34 17.43 -7.73 1.23
CA GLU B 34 18.02 -8.21 -0.03
C GLU B 34 19.24 -7.42 -0.50
N GLY B 35 19.27 -6.13 -0.16
CA GLY B 35 20.34 -5.21 -0.60
C GLY B 35 19.98 -4.46 -1.90
N ILE B 36 18.76 -4.70 -2.39
CA ILE B 36 18.23 -4.08 -3.61
C ILE B 36 17.95 -2.59 -3.34
N PRO B 37 18.54 -1.72 -4.19
CA PRO B 37 18.28 -0.27 -4.15
C PRO B 37 16.78 0.00 -4.39
N PRO B 38 16.15 0.80 -3.51
CA PRO B 38 14.71 1.15 -3.58
C PRO B 38 14.28 1.79 -4.89
N ASP B 39 15.19 2.63 -5.43
CA ASP B 39 14.98 3.34 -6.71
C ASP B 39 15.20 2.46 -7.97
N GLN B 40 15.21 1.15 -7.76
CA GLN B 40 15.26 0.17 -8.85
C GLN B 40 14.16 -0.90 -8.70
N GLN B 41 13.29 -0.69 -7.72
CA GLN B 41 12.19 -1.62 -7.41
C GLN B 41 10.88 -1.06 -7.98
N ARG B 42 10.15 -1.97 -8.64
CA ARG B 42 8.78 -1.71 -9.11
C ARG B 42 7.85 -2.76 -8.52
N LEU B 43 7.03 -2.32 -7.56
CA LEU B 43 6.12 -3.23 -6.83
C LEU B 43 4.72 -3.22 -7.44
N ILE B 44 4.18 -4.43 -7.55
CA ILE B 44 2.84 -4.65 -8.13
C ILE B 44 1.95 -5.33 -7.09
N PHE B 45 0.70 -4.88 -7.09
CA PHE B 45 -0.39 -5.53 -6.35
C PHE B 45 -1.73 -5.17 -7.00
N ALA B 46 -2.50 -6.22 -7.30
CA ALA B 46 -3.84 -6.10 -7.91
C ALA B 46 -3.83 -5.26 -9.20
N GLY B 47 -2.81 -5.50 -10.02
CA GLY B 47 -2.60 -4.82 -11.33
C GLY B 47 -2.32 -3.33 -11.19
N LYS B 48 -1.67 -2.96 -10.09
CA LYS B 48 -1.31 -1.56 -9.78
C LYS B 48 0.17 -1.48 -9.43
N GLN B 49 0.85 -0.49 -10.03
CA GLN B 49 2.23 -0.17 -9.66
C GLN B 49 2.20 0.76 -8.44
N LEU B 50 3.00 0.38 -7.45
CA LEU B 50 3.01 1.09 -6.16
C LEU B 50 3.85 2.36 -6.22
N GLU B 51 3.27 3.41 -5.66
CA GLU B 51 3.84 4.77 -5.68
C GLU B 51 4.39 5.13 -4.30
N ASP B 52 5.58 5.74 -4.30
CA ASP B 52 6.31 6.03 -3.05
C ASP B 52 5.50 6.78 -1.99
N GLY B 53 4.78 7.84 -2.44
CA GLY B 53 3.96 8.68 -1.57
C GLY B 53 2.60 8.12 -1.20
N ARG B 54 2.33 6.86 -1.57
CA ARG B 54 1.08 6.18 -1.22
C ARG B 54 1.39 5.11 -0.18
N THR B 55 0.35 4.58 0.47
CA THR B 55 0.52 3.57 1.52
C THR B 55 -0.19 2.27 1.15
N LEU B 56 0.04 1.24 1.95
CA LEU B 56 -0.57 -0.09 1.73
C LEU B 56 -2.12 -0.06 1.76
N SER B 57 -2.62 0.76 2.69
CA SER B 57 -4.08 0.98 2.84
C SER B 57 -4.69 1.61 1.59
N ASP B 58 -3.87 2.32 0.81
CA ASP B 58 -4.33 3.00 -0.41
C ASP B 58 -4.59 2.04 -1.56
N TYR B 59 -4.05 0.83 -1.46
CA TYR B 59 -4.21 -0.20 -2.49
C TYR B 59 -5.02 -1.40 -1.96
N ASN B 60 -5.56 -1.23 -0.74
CA ASN B 60 -6.35 -2.27 -0.06
C ASN B 60 -5.51 -3.52 0.29
N ILE B 61 -4.20 -3.29 0.39
CA ILE B 61 -3.23 -4.31 0.82
C ILE B 61 -3.39 -4.49 2.33
N GLN B 62 -3.99 -5.62 2.71
CA GLN B 62 -4.25 -5.92 4.11
C GLN B 62 -3.29 -7.00 4.63
N LYS B 63 -3.56 -7.48 5.83
CA LYS B 63 -2.71 -8.53 6.45
C LYS B 63 -2.80 -9.81 5.59
N GLU B 64 -1.65 -10.47 5.45
CA GLU B 64 -1.53 -11.75 4.71
C GLU B 64 -1.59 -11.60 3.18
N SER B 65 -1.58 -10.36 2.70
CA SER B 65 -1.54 -10.09 1.25
C SER B 65 -0.15 -10.44 0.72
N THR B 66 -0.14 -10.99 -0.50
CA THR B 66 1.15 -11.28 -1.16
C THR B 66 1.23 -10.49 -2.48
N LEU B 67 2.38 -9.85 -2.59
CA LEU B 67 2.75 -9.01 -3.74
C LEU B 67 3.83 -9.76 -4.53
N HIS B 68 4.05 -9.27 -5.75
CA HIS B 68 5.11 -9.79 -6.62
C HIS B 68 6.14 -8.69 -6.90
N LEU B 69 7.38 -9.17 -7.06
CA LEU B 69 8.53 -8.31 -7.36
C LEU B 69 9.09 -8.68 -8.75
N VAL B 70 9.28 -7.61 -9.56
CA VAL B 70 9.92 -7.73 -10.85
C VAL B 70 11.21 -6.89 -10.73
N LEU B 71 12.30 -7.41 -11.25
CA LEU B 71 13.60 -6.77 -11.14
C LEU B 71 13.88 -5.89 -12.35
ZN ZN C . -9.45 9.46 -2.72
N GLY A 12 -17.76 -4.92 0.36
CA GLY A 12 -16.38 -5.35 0.20
C GLY A 12 -15.49 -4.24 -0.36
N PRO A 13 -15.45 -4.04 -1.70
CA PRO A 13 -14.62 -2.98 -2.29
C PRO A 13 -15.13 -1.58 -1.96
N MET A 14 -14.84 -1.12 -0.75
CA MET A 14 -15.27 0.21 -0.31
C MET A 14 -14.47 1.29 -1.01
N LEU A 15 -14.88 1.62 -2.25
CA LEU A 15 -14.19 2.64 -3.03
C LEU A 15 -14.52 4.03 -2.51
N CYS A 16 -13.53 4.94 -2.57
CA CYS A 16 -13.69 6.32 -2.07
C CYS A 16 -15.02 6.97 -2.47
N SER A 17 -15.67 7.59 -1.48
CA SER A 17 -16.96 8.25 -1.69
C SER A 17 -16.82 9.46 -2.62
N THR A 18 -15.67 10.14 -2.55
CA THR A 18 -15.44 11.32 -3.38
C THR A 18 -15.21 10.95 -4.86
N GLY A 19 -14.97 9.66 -5.16
CA GLY A 19 -14.76 9.22 -6.55
C GLY A 19 -13.37 9.61 -7.05
N CYS A 20 -12.35 9.41 -6.23
CA CYS A 20 -10.98 9.75 -6.61
C CYS A 20 -10.35 8.67 -7.50
N GLY A 21 -10.98 7.48 -7.60
CA GLY A 21 -10.46 6.40 -8.44
C GLY A 21 -9.60 5.39 -7.67
N PHE A 22 -9.52 5.54 -6.34
CA PHE A 22 -8.73 4.62 -5.52
C PHE A 22 -9.58 3.96 -4.46
N TYR A 23 -8.98 3.09 -3.67
CA TYR A 23 -9.70 2.38 -2.61
C TYR A 23 -9.69 3.18 -1.31
N GLY A 24 -10.77 3.02 -0.52
CA GLY A 24 -10.89 3.73 0.75
C GLY A 24 -10.89 2.76 1.93
N ASN A 25 -10.20 3.13 3.01
CA ASN A 25 -10.13 2.29 4.19
C ASN A 25 -11.48 2.27 4.92
N PRO A 26 -12.10 1.09 5.13
CA PRO A 26 -13.41 1.00 5.85
C PRO A 26 -13.28 1.38 7.33
N ARG A 27 -12.06 1.35 7.87
CA ARG A 27 -11.81 1.74 9.26
C ARG A 27 -11.87 3.26 9.38
N THR A 28 -11.46 3.96 8.32
CA THR A 28 -11.49 5.41 8.28
C THR A 28 -12.94 5.86 7.99
N ASN A 29 -13.12 7.05 7.39
CA ASN A 29 -14.46 7.54 7.08
C ASN A 29 -14.93 7.10 5.68
N GLY A 30 -14.41 5.97 5.17
CA GLY A 30 -14.77 5.51 3.84
C GLY A 30 -13.92 6.16 2.76
N MET A 31 -12.85 6.87 3.17
CA MET A 31 -11.98 7.57 2.22
C MET A 31 -10.54 7.08 2.35
N CYS A 32 -9.74 7.35 1.31
CA CYS A 32 -8.34 6.97 1.29
C CYS A 32 -7.52 7.89 2.23
N SER A 33 -6.21 7.75 2.23
CA SER A 33 -5.36 8.56 3.12
C SER A 33 -5.22 10.01 2.65
N VAL A 34 -5.46 10.25 1.36
CA VAL A 34 -5.33 11.58 0.78
C VAL A 34 -6.57 12.45 1.00
N CYS A 35 -7.75 11.87 0.82
CA CYS A 35 -9.01 12.59 0.99
C CYS A 35 -9.45 12.66 2.45
N TYR A 36 -9.04 11.67 3.24
CA TYR A 36 -9.41 11.61 4.67
C TYR A 36 -8.92 12.85 5.45
N LYS A 37 -7.66 13.22 5.28
CA LYS A 37 -7.11 14.38 5.99
C LYS A 37 -7.68 15.67 5.40
N GLU A 38 -7.72 15.73 4.06
CA GLU A 38 -8.22 16.91 3.36
C GLU A 38 -9.63 17.30 3.81
N HIS A 39 -10.50 16.29 4.04
CA HIS A 39 -11.87 16.59 4.46
C HIS A 39 -11.97 16.77 5.99
N LEU A 40 -11.14 16.04 6.73
CA LEU A 40 -11.13 16.11 8.20
C LEU A 40 -10.76 17.51 8.69
N GLN A 41 -9.92 18.21 7.91
CA GLN A 41 -9.47 19.55 8.27
C GLN A 41 -10.64 20.55 8.26
N ARG A 42 -11.53 20.41 7.28
CA ARG A 42 -12.69 21.31 7.16
C ARG A 42 -13.79 20.91 8.15
N GLN A 43 -13.88 19.61 8.45
CA GLN A 43 -14.89 19.12 9.38
C GLN A 43 -14.48 19.44 10.81
N GLN A 44 -13.19 19.36 11.09
CA GLN A 44 -12.67 19.64 12.43
C GLN A 44 -12.67 21.13 12.71
N ASN A 45 -12.31 21.93 11.71
CA ASN A 45 -12.27 23.39 11.85
C ASN A 45 -13.68 23.96 12.05
N SER A 46 -14.64 23.43 11.29
CA SER A 46 -16.02 23.89 11.38
C SER A 46 -16.69 23.35 12.65
N MET B 1 1.79 -6.27 11.08
CA MET B 1 1.30 -7.41 10.28
C MET B 1 2.36 -7.81 9.23
N GLN B 2 2.41 -9.11 8.94
CA GLN B 2 3.30 -9.58 7.89
C GLN B 2 2.54 -9.72 6.57
N ILE B 3 3.28 -9.43 5.50
CA ILE B 3 2.79 -9.65 4.14
C ILE B 3 3.95 -10.30 3.36
N PHE B 4 3.57 -10.96 2.26
CA PHE B 4 4.55 -11.68 1.44
C PHE B 4 4.71 -10.99 0.08
N VAL B 5 5.96 -10.92 -0.36
CA VAL B 5 6.30 -10.35 -1.68
C VAL B 5 7.03 -11.43 -2.47
N LYS B 6 6.27 -12.05 -3.37
CA LYS B 6 6.80 -13.07 -4.27
C LYS B 6 7.59 -12.42 -5.41
N THR B 7 8.78 -13.00 -5.63
CA THR B 7 9.60 -12.62 -6.78
C THR B 7 9.45 -13.72 -7.84
N LEU B 8 9.89 -13.40 -9.06
CA LEU B 8 9.69 -14.29 -10.21
C LEU B 8 10.68 -15.48 -10.27
N THR B 9 11.75 -15.36 -9.49
CA THR B 9 12.65 -16.49 -9.20
C THR B 9 11.90 -17.60 -8.48
N GLY B 10 10.94 -17.20 -7.64
CA GLY B 10 10.12 -18.14 -6.85
C GLY B 10 10.23 -17.85 -5.34
N LYS B 11 11.34 -17.23 -4.95
CA LYS B 11 11.57 -16.84 -3.54
C LYS B 11 10.47 -15.86 -3.09
N THR B 12 10.17 -15.95 -1.79
CA THR B 12 9.16 -15.08 -1.16
C THR B 12 9.82 -14.30 -0.03
N ILE B 13 9.60 -12.99 -0.08
CA ILE B 13 10.08 -12.07 0.98
C ILE B 13 8.93 -11.91 1.98
N THR B 14 9.27 -12.05 3.25
CA THR B 14 8.31 -11.74 4.34
C THR B 14 8.71 -10.38 4.92
N LEU B 15 7.70 -9.53 5.03
CA LEU B 15 7.89 -8.19 5.62
C LEU B 15 6.93 -7.95 6.79
N GLU B 16 7.46 -7.24 7.79
CA GLU B 16 6.66 -6.73 8.93
C GLU B 16 6.35 -5.25 8.65
N VAL B 17 5.06 -5.01 8.39
CA VAL B 17 4.59 -3.67 7.99
C VAL B 17 3.37 -3.23 8.80
N GLU B 18 2.96 -2.01 8.52
CA GLU B 18 1.69 -1.42 8.98
C GLU B 18 0.89 -1.00 7.74
N SER B 19 -0.45 -0.98 7.87
CA SER B 19 -1.34 -0.51 6.79
C SER B 19 -1.04 0.93 6.36
N SER B 20 -0.58 1.72 7.33
CA SER B 20 -0.16 3.12 7.13
C SER B 20 1.16 3.30 6.38
N ASP B 21 1.91 2.21 6.18
CA ASP B 21 3.18 2.28 5.44
C ASP B 21 2.95 2.66 3.97
N THR B 22 3.75 3.64 3.55
CA THR B 22 3.77 4.05 2.13
C THR B 22 4.42 2.93 1.31
N ILE B 23 4.06 2.86 0.03
CA ILE B 23 4.66 1.87 -0.90
C ILE B 23 6.18 2.05 -0.99
N ASP B 24 6.59 3.31 -1.01
CA ASP B 24 8.03 3.67 -1.01
C ASP B 24 8.75 3.10 0.22
N ASN B 25 8.06 3.17 1.37
CA ASN B 25 8.56 2.63 2.64
C ASN B 25 8.71 1.10 2.60
N VAL B 26 7.75 0.43 1.95
CA VAL B 26 7.80 -1.04 1.74
C VAL B 26 9.01 -1.41 0.86
N LYS B 27 9.16 -0.71 -0.25
CA LYS B 27 10.28 -0.97 -1.19
C LYS B 27 11.66 -0.79 -0.52
N SER B 28 11.72 0.18 0.39
CA SER B 28 12.90 0.39 1.25
C SER B 28 13.14 -0.79 2.21
N LYS B 29 12.04 -1.36 2.72
CA LYS B 29 12.07 -2.59 3.55
C LYS B 29 12.57 -3.81 2.75
N ILE B 30 12.24 -3.84 1.45
CA ILE B 30 12.72 -4.87 0.51
C ILE B 30 14.23 -4.72 0.28
N GLN B 31 14.66 -3.47 0.08
CA GLN B 31 16.09 -3.14 -0.06
C GLN B 31 16.87 -3.57 1.20
N ASP B 32 16.23 -3.42 2.35
CA ASP B 32 16.79 -3.84 3.64
C ASP B 32 16.96 -5.35 3.83
N LYS B 33 16.17 -6.15 3.10
CA LYS B 33 16.29 -7.61 3.15
C LYS B 33 17.03 -8.23 1.96
N GLU B 34 16.78 -7.69 0.77
CA GLU B 34 17.30 -8.28 -0.49
C GLU B 34 18.49 -7.52 -1.09
N GLY B 35 18.52 -6.20 -0.86
CA GLY B 35 19.56 -5.32 -1.44
C GLY B 35 19.11 -4.69 -2.78
N ILE B 36 17.87 -4.98 -3.17
CA ILE B 36 17.26 -4.46 -4.40
C ILE B 36 16.98 -2.96 -4.25
N PRO B 37 17.51 -2.15 -5.19
CA PRO B 37 17.23 -0.71 -5.27
C PRO B 37 15.72 -0.47 -5.44
N PRO B 38 15.14 0.39 -4.59
CA PRO B 38 13.69 0.72 -4.60
C PRO B 38 13.19 1.26 -5.95
N ASP B 39 14.04 2.06 -6.61
CA ASP B 39 13.76 2.65 -7.92
C ASP B 39 13.90 1.67 -9.11
N GLN B 40 13.94 0.38 -8.79
CA GLN B 40 13.93 -0.70 -9.80
C GLN B 40 12.86 -1.76 -9.48
N GLN B 41 12.04 -1.47 -8.48
CA GLN B 41 10.98 -2.37 -8.02
C GLN B 41 9.63 -1.87 -8.56
N ARG B 42 8.87 -2.83 -9.09
CA ARG B 42 7.48 -2.62 -9.50
C ARG B 42 6.59 -3.62 -8.77
N LEU B 43 5.83 -3.11 -7.81
CA LEU B 43 4.98 -3.95 -6.95
C LEU B 43 3.54 -4.01 -7.46
N ILE B 44 3.00 -5.22 -7.45
CA ILE B 44 1.63 -5.51 -7.93
C ILE B 44 0.81 -6.09 -6.78
N PHE B 45 -0.44 -5.65 -6.74
CA PHE B 45 -1.47 -6.24 -5.88
C PHE B 45 -2.85 -5.95 -6.48
N ALA B 46 -3.63 -7.02 -6.64
CA ALA B 46 -5.01 -6.96 -7.18
C ALA B 46 -5.05 -6.37 -8.59
N GLY B 47 -4.07 -6.75 -9.40
CA GLY B 47 -3.93 -6.31 -10.81
C GLY B 47 -3.66 -4.81 -10.97
N LYS B 48 -2.98 -4.24 -9.97
CA LYS B 48 -2.64 -2.81 -9.94
C LYS B 48 -1.15 -2.65 -9.61
N GLN B 49 -0.51 -1.73 -10.33
CA GLN B 49 0.87 -1.32 -10.03
C GLN B 49 0.83 -0.27 -8.93
N LEU B 50 1.64 -0.49 -7.90
CA LEU B 50 1.63 0.36 -6.71
C LEU B 50 2.45 1.64 -6.93
N GLU B 51 1.84 2.75 -6.50
CA GLU B 51 2.38 4.10 -6.68
C GLU B 51 3.12 4.55 -5.43
N ASP B 52 4.32 5.09 -5.63
CA ASP B 52 5.23 5.45 -4.51
C ASP B 52 4.59 6.34 -3.43
N GLY B 53 3.87 7.39 -3.91
CA GLY B 53 3.21 8.36 -3.03
C GLY B 53 1.87 7.91 -2.44
N ARG B 54 1.51 6.64 -2.65
CA ARG B 54 0.28 6.07 -2.07
C ARG B 54 0.67 5.15 -0.92
N THR B 55 -0.33 4.70 -0.16
CA THR B 55 -0.09 3.84 1.00
C THR B 55 -0.78 2.49 0.85
N LEU B 56 -0.46 1.57 1.76
CA LEU B 56 -1.06 0.21 1.74
C LEU B 56 -2.59 0.22 1.87
N SER B 57 -3.06 1.14 2.73
CA SER B 57 -4.49 1.35 2.97
C SER B 57 -5.22 1.78 1.70
N ASP B 58 -4.51 2.52 0.83
CA ASP B 58 -5.09 3.03 -0.42
C ASP B 58 -5.42 1.91 -1.42
N TYR B 59 -4.90 0.72 -1.17
CA TYR B 59 -5.14 -0.44 -2.03
C TYR B 59 -5.82 -1.58 -1.26
N ASN B 60 -6.15 -1.30 0.00
CA ASN B 60 -6.81 -2.25 0.91
C ASN B 60 -5.93 -3.50 1.18
N ILE B 61 -4.62 -3.27 1.19
CA ILE B 61 -3.62 -4.28 1.54
C ILE B 61 -3.68 -4.49 3.06
N GLN B 62 -4.23 -5.62 3.45
CA GLN B 62 -4.39 -5.94 4.86
C GLN B 62 -3.39 -7.02 5.30
N LYS B 63 -3.57 -7.53 6.51
CA LYS B 63 -2.67 -8.58 7.04
C LYS B 63 -2.80 -9.84 6.17
N GLU B 64 -1.66 -10.49 5.95
CA GLU B 64 -1.58 -11.76 5.18
C GLU B 64 -1.74 -11.58 3.67
N SER B 65 -1.77 -10.34 3.20
CA SER B 65 -1.83 -10.04 1.76
C SER B 65 -0.49 -10.38 1.13
N THR B 66 -0.55 -10.91 -0.10
CA THR B 66 0.68 -11.17 -0.85
C THR B 66 0.66 -10.36 -2.16
N LEU B 67 1.80 -9.70 -2.34
CA LEU B 67 2.09 -8.83 -3.51
C LEU B 67 3.10 -9.57 -4.38
N HIS B 68 3.23 -9.05 -5.59
CA HIS B 68 4.24 -9.55 -6.54
C HIS B 68 5.24 -8.44 -6.88
N LEU B 69 6.47 -8.90 -7.14
CA LEU B 69 7.59 -8.03 -7.50
C LEU B 69 8.06 -8.36 -8.91
N VAL B 70 8.18 -7.29 -9.73
CA VAL B 70 8.74 -7.37 -11.06
C VAL B 70 10.01 -6.52 -11.02
N LEU B 71 11.07 -7.03 -11.63
CA LEU B 71 12.38 -6.37 -11.58
C LEU B 71 12.56 -5.47 -12.81
ZN ZN C . -10.31 9.43 -2.07
N GLY A 12 -17.49 -5.66 -0.29
CA GLY A 12 -16.08 -5.98 -0.08
C GLY A 12 -15.17 -4.85 -0.54
N PRO A 13 -15.04 -4.60 -1.87
CA PRO A 13 -14.18 -3.54 -2.37
C PRO A 13 -14.73 -2.15 -2.06
N MET A 14 -14.54 -1.70 -0.82
CA MET A 14 -15.03 -0.40 -0.38
C MET A 14 -14.17 0.71 -1.00
N LEU A 15 -14.50 1.07 -2.26
CA LEU A 15 -13.77 2.11 -2.97
C LEU A 15 -14.16 3.49 -2.45
N CYS A 16 -13.18 4.41 -2.41
CA CYS A 16 -13.39 5.77 -1.90
C CYS A 16 -14.70 6.43 -2.39
N SER A 17 -15.44 7.01 -1.44
CA SER A 17 -16.71 7.65 -1.73
C SER A 17 -16.51 8.89 -2.62
N THR A 18 -15.38 9.58 -2.45
CA THR A 18 -15.10 10.78 -3.25
C THR A 18 -14.75 10.44 -4.71
N GLY A 19 -14.48 9.16 -5.01
CA GLY A 19 -14.16 8.75 -6.39
C GLY A 19 -12.75 9.17 -6.77
N CYS A 20 -11.78 8.96 -5.87
CA CYS A 20 -10.39 9.33 -6.15
C CYS A 20 -9.71 8.34 -7.12
N GLY A 21 -10.34 7.16 -7.35
CA GLY A 21 -9.77 6.18 -8.28
C GLY A 21 -8.95 5.09 -7.56
N PHE A 22 -8.91 5.11 -6.22
CA PHE A 22 -8.15 4.13 -5.46
C PHE A 22 -9.05 3.40 -4.46
N TYR A 23 -8.43 2.64 -3.56
CA TYR A 23 -9.17 1.90 -2.55
C TYR A 23 -9.41 2.74 -1.30
N GLY A 24 -10.44 2.37 -0.52
CA GLY A 24 -10.76 3.08 0.69
C GLY A 24 -10.36 2.30 1.93
N ASN A 25 -10.75 2.78 3.11
CA ASN A 25 -10.42 2.12 4.36
C ASN A 25 -11.63 2.09 5.30
N PRO A 26 -12.15 0.91 5.67
CA PRO A 26 -13.32 0.82 6.61
C PRO A 26 -12.98 1.31 8.02
N ARG A 27 -11.68 1.36 8.34
CA ARG A 27 -11.24 1.86 9.66
C ARG A 27 -11.43 3.38 9.72
N THR A 28 -11.09 4.06 8.63
CA THR A 28 -11.25 5.50 8.54
C THR A 28 -12.74 5.81 8.25
N ASN A 29 -13.04 6.95 7.62
CA ASN A 29 -14.43 7.32 7.30
C ASN A 29 -14.86 6.78 5.93
N GLY A 30 -14.25 5.69 5.46
CA GLY A 30 -14.58 5.12 4.14
C GLY A 30 -13.79 5.82 3.03
N MET A 31 -12.79 6.65 3.39
CA MET A 31 -12.00 7.38 2.41
C MET A 31 -10.51 7.03 2.53
N CYS A 32 -9.76 7.33 1.48
CA CYS A 32 -8.33 7.07 1.46
C CYS A 32 -7.61 8.00 2.44
N SER A 33 -6.32 7.79 2.67
CA SER A 33 -5.56 8.61 3.63
C SER A 33 -5.39 10.06 3.16
N VAL A 34 -5.54 10.29 1.86
CA VAL A 34 -5.36 11.62 1.28
C VAL A 34 -6.60 12.50 1.44
N CYS A 35 -7.78 11.94 1.18
CA CYS A 35 -9.04 12.68 1.29
C CYS A 35 -9.54 12.80 2.73
N TYR A 36 -9.13 11.86 3.58
CA TYR A 36 -9.54 11.86 4.99
C TYR A 36 -9.10 13.14 5.72
N LYS A 37 -7.82 13.52 5.57
CA LYS A 37 -7.32 14.71 6.24
C LYS A 37 -7.89 15.97 5.57
N GLU A 38 -7.89 15.97 4.24
CA GLU A 38 -8.39 17.11 3.46
C GLU A 38 -9.81 17.50 3.85
N HIS A 39 -10.66 16.49 4.10
CA HIS A 39 -12.06 16.78 4.47
C HIS A 39 -12.21 17.03 5.98
N LEU A 40 -11.40 16.34 6.78
CA LEU A 40 -11.44 16.49 8.25
C LEU A 40 -11.09 17.92 8.68
N GLN A 41 -10.25 18.59 7.89
CA GLN A 41 -9.82 19.95 8.21
C GLN A 41 -11.00 20.94 8.12
N ARG A 42 -11.86 20.74 7.11
CA ARG A 42 -13.03 21.61 6.93
C ARG A 42 -14.15 21.25 7.89
N GLN A 43 -14.23 19.96 8.24
CA GLN A 43 -15.26 19.49 9.17
C GLN A 43 -14.91 19.90 10.60
N GLN A 44 -13.62 19.84 10.92
CA GLN A 44 -13.13 20.19 12.25
C GLN A 44 -13.17 21.71 12.47
N ASN A 45 -12.79 22.46 11.43
CA ASN A 45 -12.78 23.93 11.51
C ASN A 45 -14.20 24.47 11.64
N SER A 46 -15.12 23.90 10.87
CA SER A 46 -16.53 24.34 10.90
C SER A 46 -17.22 23.85 12.17
N MET B 1 1.59 -4.94 11.53
CA MET B 1 1.04 -6.12 10.85
C MET B 1 2.09 -6.69 9.87
N GLN B 2 2.05 -8.03 9.73
CA GLN B 2 2.93 -8.66 8.74
C GLN B 2 2.17 -8.89 7.44
N ILE B 3 2.93 -8.77 6.36
CA ILE B 3 2.43 -9.13 5.02
C ILE B 3 3.56 -9.92 4.33
N PHE B 4 3.16 -10.68 3.31
CA PHE B 4 4.11 -11.54 2.60
C PHE B 4 4.31 -11.03 1.17
N VAL B 5 5.55 -11.08 0.74
CA VAL B 5 5.95 -10.68 -0.63
C VAL B 5 6.61 -11.89 -1.29
N LYS B 6 5.82 -12.55 -2.13
CA LYS B 6 6.30 -13.70 -2.90
C LYS B 6 7.14 -13.23 -4.09
N THR B 7 8.28 -13.91 -4.23
CA THR B 7 9.13 -13.69 -5.41
C THR B 7 8.93 -14.89 -6.34
N LEU B 8 9.40 -14.74 -7.58
CA LEU B 8 9.16 -15.75 -8.63
C LEU B 8 10.06 -16.98 -8.53
N THR B 9 11.14 -16.84 -7.76
CA THR B 9 11.98 -17.98 -7.33
C THR B 9 11.16 -18.96 -6.50
N GLY B 10 10.22 -18.42 -5.73
CA GLY B 10 9.34 -19.21 -4.85
C GLY B 10 9.46 -18.76 -3.38
N LYS B 11 10.60 -18.16 -3.04
CA LYS B 11 10.85 -17.62 -1.69
C LYS B 11 9.79 -16.54 -1.36
N THR B 12 9.48 -16.46 -0.08
CA THR B 12 8.51 -15.48 0.45
C THR B 12 9.23 -14.61 1.50
N ILE B 13 9.07 -13.30 1.29
CA ILE B 13 9.60 -12.30 2.24
C ILE B 13 8.45 -11.95 3.20
N THR B 14 8.77 -11.98 4.49
CA THR B 14 7.84 -11.49 5.52
C THR B 14 8.30 -10.10 5.96
N LEU B 15 7.34 -9.18 5.96
CA LEU B 15 7.60 -7.80 6.39
C LEU B 15 6.65 -7.38 7.52
N GLU B 16 7.21 -6.58 8.43
CA GLU B 16 6.45 -5.90 9.50
C GLU B 16 6.22 -4.46 9.05
N VAL B 17 4.95 -4.17 8.75
CA VAL B 17 4.55 -2.87 8.20
C VAL B 17 3.35 -2.26 8.94
N GLU B 18 3.02 -1.06 8.51
CA GLU B 18 1.78 -0.35 8.88
C GLU B 18 1.01 -0.03 7.59
N SER B 19 -0.31 0.07 7.71
CA SER B 19 -1.18 0.47 6.58
C SER B 19 -0.83 1.86 6.02
N SER B 20 -0.31 2.70 6.91
CA SER B 20 0.17 4.06 6.60
C SER B 20 1.47 4.12 5.79
N ASP B 21 2.17 2.99 5.67
CA ASP B 21 3.42 2.94 4.90
C ASP B 21 3.18 3.21 3.42
N THR B 22 4.00 4.12 2.90
CA THR B 22 4.02 4.41 1.46
C THR B 22 4.59 3.19 0.71
N ILE B 23 4.21 3.04 -0.55
CA ILE B 23 4.74 1.95 -1.40
C ILE B 23 6.27 2.05 -1.54
N ASP B 24 6.74 3.29 -1.67
CA ASP B 24 8.17 3.58 -1.72
C ASP B 24 8.89 3.09 -0.46
N ASN B 25 8.24 3.29 0.69
CA ASN B 25 8.74 2.83 2.00
C ASN B 25 8.83 1.29 2.07
N VAL B 26 7.83 0.62 1.49
CA VAL B 26 7.81 -0.86 1.40
C VAL B 26 8.98 -1.36 0.54
N LYS B 27 9.15 -0.77 -0.64
CA LYS B 27 10.23 -1.13 -1.57
C LYS B 27 11.62 -0.98 -0.94
N SER B 28 11.75 0.07 -0.11
CA SER B 28 12.96 0.30 0.72
C SER B 28 13.17 -0.82 1.76
N LYS B 29 12.06 -1.29 2.34
CA LYS B 29 12.07 -2.45 3.25
C LYS B 29 12.49 -3.76 2.55
N ILE B 30 12.13 -3.87 1.26
CA ILE B 30 12.54 -5.00 0.40
C ILE B 30 14.05 -4.93 0.13
N GLN B 31 14.54 -3.72 -0.18
CA GLN B 31 15.97 -3.46 -0.37
C GLN B 31 16.75 -3.82 0.90
N ASP B 32 16.14 -3.56 2.05
CA ASP B 32 16.72 -3.88 3.36
C ASP B 32 16.83 -5.39 3.66
N LYS B 33 15.99 -6.20 3.03
CA LYS B 33 16.05 -7.66 3.19
C LYS B 33 16.74 -8.41 2.04
N GLU B 34 16.49 -7.97 0.82
CA GLU B 34 16.96 -8.67 -0.39
C GLU B 34 18.16 -8.02 -1.08
N GLY B 35 18.25 -6.69 -0.97
CA GLY B 35 19.30 -5.91 -1.63
C GLY B 35 18.85 -5.36 -3.00
N ILE B 36 17.59 -5.63 -3.35
CA ILE B 36 16.98 -5.19 -4.62
C ILE B 36 16.78 -3.66 -4.58
N PRO B 37 17.31 -2.97 -5.59
CA PRO B 37 17.09 -1.53 -5.78
C PRO B 37 15.59 -1.23 -5.95
N PRO B 38 15.06 -0.28 -5.16
CA PRO B 38 13.63 0.12 -5.17
C PRO B 38 13.11 0.56 -6.54
N ASP B 39 13.99 1.26 -7.28
CA ASP B 39 13.71 1.76 -8.63
C ASP B 39 13.78 0.68 -9.74
N GLN B 40 13.77 -0.58 -9.32
CA GLN B 40 13.70 -1.74 -10.23
C GLN B 40 12.59 -2.72 -9.82
N GLN B 41 11.81 -2.31 -8.82
CA GLN B 41 10.72 -3.13 -8.27
C GLN B 41 9.37 -2.62 -8.82
N ARG B 42 8.57 -3.58 -9.26
CA ARG B 42 7.17 -3.34 -9.66
C ARG B 42 6.26 -4.25 -8.82
N LEU B 43 5.54 -3.63 -7.89
CA LEU B 43 4.67 -4.36 -6.96
C LEU B 43 3.22 -4.39 -7.44
N ILE B 44 2.64 -5.58 -7.30
CA ILE B 44 1.25 -5.83 -7.75
C ILE B 44 0.44 -6.29 -6.53
N PHE B 45 -0.80 -5.79 -6.51
CA PHE B 45 -1.84 -6.26 -5.58
C PHE B 45 -3.21 -5.96 -6.18
N ALA B 46 -4.04 -7.01 -6.23
CA ALA B 46 -5.43 -6.93 -6.74
C ALA B 46 -5.49 -6.39 -8.18
N GLY B 47 -4.53 -6.83 -8.99
CA GLY B 47 -4.41 -6.44 -10.42
C GLY B 47 -4.10 -4.95 -10.63
N LYS B 48 -3.38 -4.37 -9.68
CA LYS B 48 -2.99 -2.95 -9.70
C LYS B 48 -1.50 -2.83 -9.42
N GLN B 49 -0.86 -1.94 -10.20
CA GLN B 49 0.54 -1.56 -9.94
C GLN B 49 0.56 -0.48 -8.87
N LEU B 50 1.41 -0.70 -7.87
CA LEU B 50 1.47 0.19 -6.70
C LEU B 50 2.31 1.44 -6.99
N GLU B 51 1.75 2.56 -6.56
CA GLU B 51 2.32 3.89 -6.80
C GLU B 51 3.05 4.39 -5.57
N ASP B 52 4.26 4.90 -5.79
CA ASP B 52 5.17 5.29 -4.69
C ASP B 52 4.55 6.24 -3.65
N GLY B 53 3.85 7.28 -4.15
CA GLY B 53 3.20 8.28 -3.31
C GLY B 53 1.86 7.88 -2.71
N ARG B 54 1.48 6.60 -2.87
CA ARG B 54 0.24 6.07 -2.27
C ARG B 54 0.62 5.11 -1.15
N THR B 55 -0.22 5.04 -0.13
CA THR B 55 0.04 4.18 1.03
C THR B 55 -0.66 2.84 0.90
N LEU B 56 -0.33 1.91 1.80
CA LEU B 56 -0.93 0.56 1.80
C LEU B 56 -2.46 0.59 2.01
N SER B 57 -2.89 1.51 2.88
CA SER B 57 -4.31 1.73 3.18
C SER B 57 -5.08 2.18 1.93
N ASP B 58 -4.36 2.76 0.96
CA ASP B 58 -4.96 3.27 -0.28
C ASP B 58 -5.11 2.19 -1.35
N TYR B 59 -4.80 0.94 -0.99
CA TYR B 59 -4.91 -0.19 -1.90
C TYR B 59 -5.56 -1.41 -1.23
N ASN B 60 -5.97 -1.20 0.03
CA ASN B 60 -6.62 -2.24 0.85
C ASN B 60 -5.67 -3.43 1.12
N ILE B 61 -4.38 -3.13 1.12
CA ILE B 61 -3.32 -4.09 1.47
C ILE B 61 -3.36 -4.29 2.99
N GLN B 62 -3.85 -5.45 3.40
CA GLN B 62 -3.98 -5.77 4.81
C GLN B 62 -3.11 -6.98 5.18
N LYS B 63 -3.29 -7.48 6.39
CA LYS B 63 -2.52 -8.64 6.87
C LYS B 63 -2.84 -9.86 5.99
N GLU B 64 -1.80 -10.64 5.70
CA GLU B 64 -1.92 -11.90 4.92
C GLU B 64 -2.12 -11.68 3.41
N SER B 65 -2.02 -10.43 2.97
CA SER B 65 -2.10 -10.10 1.53
C SER B 65 -0.83 -10.58 0.83
N THR B 66 -1.03 -11.08 -0.40
CA THR B 66 0.13 -11.47 -1.21
C THR B 66 0.17 -10.64 -2.49
N LEU B 67 1.36 -10.12 -2.73
CA LEU B 67 1.71 -9.29 -3.88
C LEU B 67 2.59 -10.12 -4.82
N HIS B 68 2.73 -9.60 -6.03
CA HIS B 68 3.63 -10.20 -7.03
C HIS B 68 4.74 -9.22 -7.40
N LEU B 69 5.88 -9.83 -7.71
CA LEU B 69 7.10 -9.10 -8.12
C LEU B 69 7.45 -9.46 -9.56
N VAL B 70 7.68 -8.39 -10.36
CA VAL B 70 8.16 -8.51 -11.72
C VAL B 70 9.53 -7.84 -11.73
N LEU B 71 10.50 -8.46 -12.38
CA LEU B 71 11.86 -7.98 -12.39
C LEU B 71 12.11 -7.08 -13.61
ZN ZN C . -10.05 8.93 -1.58
N GLY A 12 -16.20 -5.41 0.45
CA GLY A 12 -15.05 -5.89 -0.30
C GLY A 12 -14.21 -4.75 -0.87
N PRO A 13 -14.21 -4.54 -2.21
CA PRO A 13 -13.41 -3.46 -2.81
C PRO A 13 -13.98 -2.08 -2.49
N MET A 14 -13.69 -1.61 -1.27
CA MET A 14 -14.18 -0.30 -0.82
C MET A 14 -13.42 0.82 -1.55
N LEU A 15 -13.86 1.13 -2.77
CA LEU A 15 -13.23 2.17 -3.58
C LEU A 15 -13.60 3.55 -3.04
N CYS A 16 -12.65 4.50 -3.12
CA CYS A 16 -12.85 5.87 -2.62
C CYS A 16 -14.22 6.48 -3.01
N SER A 17 -14.88 7.06 -2.00
CA SER A 17 -16.19 7.67 -2.20
C SER A 17 -16.11 8.89 -3.13
N THR A 18 -14.99 9.61 -3.08
CA THR A 18 -14.81 10.79 -3.92
C THR A 18 -14.58 10.43 -5.41
N GLY A 19 -14.31 9.15 -5.70
CA GLY A 19 -14.09 8.72 -7.08
C GLY A 19 -12.72 9.16 -7.61
N CYS A 20 -11.69 9.00 -6.80
CA CYS A 20 -10.33 9.39 -7.20
C CYS A 20 -9.62 8.29 -8.01
N GLY A 21 -10.22 7.09 -8.08
CA GLY A 21 -9.64 5.98 -8.85
C GLY A 21 -8.80 5.02 -7.98
N PHE A 22 -8.79 5.24 -6.67
CA PHE A 22 -8.03 4.38 -5.75
C PHE A 22 -8.93 3.70 -4.74
N TYR A 23 -8.33 3.06 -3.74
CA TYR A 23 -9.10 2.37 -2.71
C TYR A 23 -9.29 3.25 -1.47
N GLY A 24 -9.95 2.69 -0.45
CA GLY A 24 -10.20 3.42 0.78
C GLY A 24 -9.82 2.61 2.00
N ASN A 25 -10.43 2.91 3.14
CA ASN A 25 -10.15 2.20 4.38
C ASN A 25 -11.41 2.07 5.24
N PRO A 26 -11.83 0.84 5.61
CA PRO A 26 -13.06 0.66 6.46
C PRO A 26 -12.86 1.20 7.88
N ARG A 27 -11.59 1.39 8.30
CA ARG A 27 -11.30 1.95 9.61
C ARG A 27 -11.52 3.47 9.60
N THR A 28 -11.08 4.11 8.51
CA THR A 28 -11.26 5.56 8.35
C THR A 28 -12.71 5.81 7.88
N ASN A 29 -12.96 6.92 7.17
CA ASN A 29 -14.32 7.23 6.71
C ASN A 29 -14.59 6.64 5.32
N GLY A 30 -13.91 5.54 4.96
CA GLY A 30 -14.09 4.92 3.65
C GLY A 30 -13.20 5.58 2.58
N MET A 31 -12.26 6.44 3.03
CA MET A 31 -11.38 7.15 2.10
C MET A 31 -9.92 6.84 2.40
N CYS A 32 -9.06 7.11 1.41
CA CYS A 32 -7.62 6.88 1.56
C CYS A 32 -7.02 7.91 2.52
N SER A 33 -5.71 7.91 2.68
CA SER A 33 -5.04 8.84 3.61
C SER A 33 -4.91 10.26 3.05
N VAL A 34 -5.39 10.46 1.83
CA VAL A 34 -5.29 11.76 1.16
C VAL A 34 -6.56 12.61 1.33
N CYS A 35 -7.71 12.03 1.04
CA CYS A 35 -8.99 12.74 1.15
C CYS A 35 -9.50 12.81 2.59
N TYR A 36 -9.07 11.86 3.42
CA TYR A 36 -9.50 11.81 4.83
C TYR A 36 -9.11 13.09 5.60
N LYS A 37 -7.86 13.52 5.47
CA LYS A 37 -7.40 14.72 6.18
C LYS A 37 -8.00 15.97 5.53
N GLU A 38 -7.98 15.99 4.19
CA GLU A 38 -8.51 17.14 3.44
C GLU A 38 -9.96 17.46 3.82
N HIS A 39 -10.78 16.43 4.03
CA HIS A 39 -12.18 16.65 4.38
C HIS A 39 -12.36 16.87 5.90
N LEU A 40 -11.53 16.20 6.70
CA LEU A 40 -11.60 16.30 8.16
C LEU A 40 -11.30 17.73 8.64
N GLN A 41 -10.47 18.45 7.87
CA GLN A 41 -10.11 19.82 8.22
C GLN A 41 -11.31 20.76 8.13
N ARG A 42 -12.15 20.56 7.12
CA ARG A 42 -13.34 21.40 6.93
C ARG A 42 -14.47 20.98 7.87
N GLN A 43 -14.51 19.68 8.20
CA GLN A 43 -15.54 19.15 9.09
C GLN A 43 -15.21 19.54 10.54
N GLN A 44 -13.92 19.52 10.88
CA GLN A 44 -13.47 19.86 12.23
C GLN A 44 -13.57 21.36 12.48
N ASN A 45 -13.19 22.15 11.46
CA ASN A 45 -13.24 23.61 11.58
C ASN A 45 -14.68 24.11 11.70
N SER A 46 -15.58 23.52 10.90
CA SER A 46 -16.98 23.92 10.93
C SER A 46 -17.68 23.37 12.17
N MET B 1 1.76 -5.98 11.37
CA MET B 1 1.22 -7.12 10.59
C MET B 1 2.25 -7.59 9.54
N GLN B 2 2.23 -8.89 9.27
CA GLN B 2 3.10 -9.41 8.21
C GLN B 2 2.31 -9.54 6.91
N ILE B 3 3.05 -9.31 5.83
CA ILE B 3 2.53 -9.54 4.47
C ILE B 3 3.64 -10.24 3.68
N PHE B 4 3.23 -10.90 2.61
CA PHE B 4 4.17 -11.68 1.80
C PHE B 4 4.34 -11.03 0.43
N VAL B 5 5.58 -11.02 -0.04
CA VAL B 5 5.94 -10.48 -1.37
C VAL B 5 6.60 -11.61 -2.15
N LYS B 6 5.80 -12.21 -3.04
CA LYS B 6 6.28 -13.27 -3.92
C LYS B 6 7.08 -12.67 -5.08
N THR B 7 8.23 -13.31 -5.31
CA THR B 7 9.06 -12.98 -6.48
C THR B 7 8.84 -14.09 -7.51
N LEU B 8 9.28 -13.81 -8.74
CA LEU B 8 9.04 -14.72 -9.88
C LEU B 8 9.97 -15.94 -9.92
N THR B 9 11.06 -15.85 -9.16
CA THR B 9 11.92 -17.01 -8.86
C THR B 9 11.13 -18.10 -8.10
N GLY B 10 10.19 -17.64 -7.26
CA GLY B 10 9.35 -18.52 -6.44
C GLY B 10 9.50 -18.20 -4.95
N LYS B 11 10.63 -17.63 -4.57
CA LYS B 11 10.91 -17.22 -3.18
C LYS B 11 9.85 -16.19 -2.73
N THR B 12 9.56 -16.24 -1.44
CA THR B 12 8.60 -15.32 -0.81
C THR B 12 9.31 -14.55 0.31
N ILE B 13 9.13 -13.22 0.23
CA ILE B 13 9.67 -12.31 1.26
C ILE B 13 8.54 -12.07 2.27
N THR B 14 8.89 -12.21 3.55
CA THR B 14 7.96 -11.85 4.63
C THR B 14 8.42 -10.49 5.19
N LEU B 15 7.45 -9.60 5.31
CA LEU B 15 7.70 -8.26 5.86
C LEU B 15 6.77 -7.96 7.04
N GLU B 16 7.33 -7.25 8.02
CA GLU B 16 6.59 -6.68 9.15
C GLU B 16 6.33 -5.21 8.86
N VAL B 17 5.05 -4.92 8.61
CA VAL B 17 4.63 -3.57 8.19
C VAL B 17 3.43 -3.06 9.01
N GLU B 18 3.06 -1.83 8.70
CA GLU B 18 1.83 -1.18 9.17
C GLU B 18 1.03 -0.75 7.93
N SER B 19 -0.29 -0.67 8.09
CA SER B 19 -1.19 -0.19 7.01
C SER B 19 -0.85 1.25 6.57
N SER B 20 -0.34 2.02 7.52
CA SER B 20 0.13 3.40 7.30
C SER B 20 1.43 3.53 6.50
N ASP B 21 2.14 2.43 6.30
CA ASP B 21 3.39 2.43 5.50
C ASP B 21 3.12 2.82 4.05
N THR B 22 3.94 3.77 3.59
CA THR B 22 3.94 4.18 2.18
C THR B 22 4.53 3.02 1.35
N ILE B 23 4.12 2.97 0.08
CA ILE B 23 4.66 1.96 -0.86
C ILE B 23 6.18 2.08 -1.00
N ASP B 24 6.65 3.32 -1.04
CA ASP B 24 8.09 3.63 -1.08
C ASP B 24 8.82 3.04 0.14
N ASN B 25 8.17 3.15 1.30
CA ASN B 25 8.68 2.59 2.56
C ASN B 25 8.78 1.06 2.52
N VAL B 26 7.79 0.42 1.91
CA VAL B 26 7.77 -1.04 1.69
C VAL B 26 8.94 -1.47 0.79
N LYS B 27 9.10 -0.79 -0.34
CA LYS B 27 10.17 -1.08 -1.31
C LYS B 27 11.57 -0.95 -0.67
N SER B 28 11.70 0.02 0.23
CA SER B 28 12.91 0.19 1.07
C SER B 28 13.14 -1.00 2.01
N LYS B 29 12.03 -1.52 2.57
CA LYS B 29 12.04 -2.75 3.39
C LYS B 29 12.48 -3.99 2.58
N ILE B 30 12.11 -4.01 1.30
CA ILE B 30 12.52 -5.06 0.35
C ILE B 30 14.04 -4.96 0.07
N GLN B 31 14.50 -3.73 -0.15
CA GLN B 31 15.93 -3.46 -0.33
C GLN B 31 16.73 -3.89 0.91
N ASP B 32 16.13 -3.74 2.08
CA ASP B 32 16.71 -4.16 3.36
C ASP B 32 16.83 -5.68 3.54
N LYS B 33 16.00 -6.44 2.84
CA LYS B 33 16.07 -7.91 2.90
C LYS B 33 16.75 -8.56 1.69
N GLU B 34 16.49 -8.02 0.50
CA GLU B 34 16.96 -8.63 -0.76
C GLU B 34 18.15 -7.92 -1.41
N GLY B 35 18.23 -6.61 -1.19
CA GLY B 35 19.28 -5.76 -1.80
C GLY B 35 18.82 -5.11 -3.12
N ILE B 36 17.55 -5.37 -3.48
CA ILE B 36 16.93 -4.83 -4.70
C ILE B 36 16.71 -3.32 -4.54
N PRO B 37 17.24 -2.54 -5.51
CA PRO B 37 17.00 -1.09 -5.58
C PRO B 37 15.50 -0.79 -5.71
N PRO B 38 14.97 0.10 -4.85
CA PRO B 38 13.54 0.47 -4.82
C PRO B 38 13.01 1.03 -6.15
N ASP B 39 13.88 1.79 -6.84
CA ASP B 39 13.58 2.39 -8.15
C ASP B 39 13.66 1.40 -9.33
N GLN B 40 13.66 0.11 -9.02
CA GLN B 40 13.58 -0.97 -10.01
C GLN B 40 12.48 -2.00 -9.66
N GLN B 41 11.70 -1.67 -8.63
CA GLN B 41 10.62 -2.53 -8.14
C GLN B 41 9.28 -1.99 -8.64
N ARG B 42 8.48 -2.93 -9.15
CA ARG B 42 7.07 -2.66 -9.53
C ARG B 42 6.17 -3.64 -8.76
N LEU B 43 5.46 -3.09 -7.77
CA LEU B 43 4.61 -3.90 -6.89
C LEU B 43 3.15 -3.91 -7.37
N ILE B 44 2.56 -5.11 -7.32
CA ILE B 44 1.19 -5.34 -7.77
C ILE B 44 0.38 -5.89 -6.59
N PHE B 45 -0.86 -5.40 -6.52
CA PHE B 45 -1.88 -5.96 -5.63
C PHE B 45 -3.28 -5.62 -6.18
N ALA B 46 -4.09 -6.68 -6.32
CA ALA B 46 -5.48 -6.56 -6.81
C ALA B 46 -5.55 -5.97 -8.24
N GLY B 47 -4.61 -6.39 -9.06
CA GLY B 47 -4.48 -5.96 -10.49
C GLY B 47 -4.17 -4.47 -10.65
N LYS B 48 -3.44 -3.92 -9.68
CA LYS B 48 -3.04 -2.50 -9.67
C LYS B 48 -1.54 -2.40 -9.40
N GLN B 49 -0.90 -1.48 -10.14
CA GLN B 49 0.51 -1.13 -9.89
C GLN B 49 0.54 -0.09 -8.76
N LEU B 50 1.40 -0.37 -7.79
CA LEU B 50 1.48 0.46 -6.58
C LEU B 50 2.32 1.71 -6.81
N GLU B 51 1.77 2.83 -6.33
CA GLU B 51 2.34 4.16 -6.51
C GLU B 51 3.17 4.57 -5.29
N ASP B 52 4.38 5.05 -5.54
CA ASP B 52 5.35 5.36 -4.48
C ASP B 52 4.81 6.25 -3.35
N GLY B 53 4.12 7.34 -3.76
CA GLY B 53 3.55 8.32 -2.83
C GLY B 53 2.22 7.92 -2.19
N ARG B 54 1.80 6.66 -2.39
CA ARG B 54 0.57 6.14 -1.77
C ARG B 54 0.98 5.24 -0.61
N THR B 55 0.00 4.64 0.05
CA THR B 55 0.25 3.77 1.21
C THR B 55 -0.49 2.45 1.07
N LEU B 56 -0.19 1.51 1.98
CA LEU B 56 -0.83 0.18 1.98
C LEU B 56 -2.35 0.24 2.16
N SER B 57 -2.77 1.18 3.03
CA SER B 57 -4.20 1.44 3.31
C SER B 57 -4.92 1.96 2.08
N ASP B 58 -4.18 2.68 1.21
CA ASP B 58 -4.75 3.29 -0.01
C ASP B 58 -5.03 2.26 -1.11
N TYR B 59 -4.70 0.99 -0.83
CA TYR B 59 -4.90 -0.10 -1.78
C TYR B 59 -5.64 -1.27 -1.13
N ASN B 60 -5.97 -1.10 0.15
CA ASN B 60 -6.67 -2.11 0.96
C ASN B 60 -5.80 -3.36 1.22
N ILE B 61 -4.49 -3.15 1.18
CA ILE B 61 -3.49 -4.17 1.50
C ILE B 61 -3.49 -4.35 3.02
N GLN B 62 -4.05 -5.48 3.46
CA GLN B 62 -4.16 -5.78 4.88
C GLN B 62 -3.15 -6.86 5.28
N LYS B 63 -3.28 -7.36 6.51
CA LYS B 63 -2.38 -8.40 7.02
C LYS B 63 -2.56 -9.67 6.17
N GLU B 64 -1.43 -10.34 5.92
CA GLU B 64 -1.40 -11.62 5.17
C GLU B 64 -1.61 -11.46 3.65
N SER B 65 -1.65 -10.22 3.18
CA SER B 65 -1.77 -9.95 1.73
C SER B 65 -0.44 -10.31 1.05
N THR B 66 -0.55 -10.84 -0.16
CA THR B 66 0.64 -11.14 -0.96
C THR B 66 0.59 -10.34 -2.26
N LEU B 67 1.72 -9.69 -2.51
CA LEU B 67 1.97 -8.85 -3.69
C LEU B 67 2.96 -9.61 -4.59
N HIS B 68 3.05 -9.10 -5.81
CA HIS B 68 4.02 -9.62 -6.79
C HIS B 68 5.01 -8.53 -7.19
N LEU B 69 6.22 -9.01 -7.47
CA LEU B 69 7.34 -8.16 -7.90
C LEU B 69 7.76 -8.51 -9.32
N VAL B 70 7.85 -7.44 -10.15
CA VAL B 70 8.36 -7.55 -11.51
C VAL B 70 9.65 -6.72 -11.52
N LEU B 71 10.68 -7.26 -12.16
CA LEU B 71 11.99 -6.61 -12.16
C LEU B 71 12.14 -5.72 -13.41
ZN ZN C . -9.59 9.12 -2.67
N GLY A 12 -19.16 -5.13 -0.99
CA GLY A 12 -17.76 -5.43 -0.72
C GLY A 12 -16.82 -4.34 -1.25
N PRO A 13 -16.67 -4.20 -2.58
CA PRO A 13 -15.79 -3.18 -3.16
C PRO A 13 -16.32 -1.77 -2.95
N MET A 14 -16.14 -1.24 -1.73
CA MET A 14 -16.61 0.10 -1.40
C MET A 14 -15.64 1.15 -1.94
N LEU A 15 -15.89 1.60 -3.16
CA LEU A 15 -15.04 2.60 -3.82
C LEU A 15 -15.31 3.99 -3.22
N CYS A 16 -14.25 4.79 -3.10
CA CYS A 16 -14.34 6.15 -2.52
C CYS A 16 -15.55 6.95 -3.01
N SER A 17 -16.26 7.55 -2.04
CA SER A 17 -17.46 8.34 -2.33
C SER A 17 -17.11 9.59 -3.14
N THR A 18 -15.92 10.16 -2.91
CA THR A 18 -15.50 11.36 -3.63
C THR A 18 -15.15 11.07 -5.09
N GLY A 19 -14.99 9.78 -5.46
CA GLY A 19 -14.67 9.42 -6.85
C GLY A 19 -13.21 9.71 -7.18
N CYS A 20 -12.30 9.36 -6.28
CA CYS A 20 -10.88 9.61 -6.49
C CYS A 20 -10.22 8.49 -7.34
N GLY A 21 -10.89 7.32 -7.45
CA GLY A 21 -10.36 6.21 -8.24
C GLY A 21 -9.58 5.18 -7.41
N PHE A 22 -9.56 5.35 -6.08
CA PHE A 22 -8.84 4.43 -5.20
C PHE A 22 -9.80 3.69 -4.27
N TYR A 23 -9.26 2.93 -3.34
CA TYR A 23 -10.07 2.16 -2.41
C TYR A 23 -10.33 2.94 -1.12
N GLY A 24 -11.57 2.87 -0.62
CA GLY A 24 -11.93 3.56 0.61
C GLY A 24 -11.99 2.61 1.79
N ASN A 25 -11.53 3.07 2.94
CA ASN A 25 -11.55 2.25 4.15
C ASN A 25 -12.82 2.50 4.97
N PRO A 26 -13.61 1.45 5.29
CA PRO A 26 -14.85 1.63 6.10
C PRO A 26 -14.55 2.07 7.54
N ARG A 27 -13.32 1.86 7.99
CA ARG A 27 -12.91 2.27 9.34
C ARG A 27 -12.84 3.81 9.40
N THR A 28 -12.34 4.41 8.32
CA THR A 28 -12.25 5.87 8.22
C THR A 28 -13.65 6.43 7.88
N ASN A 29 -13.72 7.59 7.23
CA ASN A 29 -15.01 8.19 6.87
C ASN A 29 -15.48 7.75 5.48
N GLY A 30 -15.05 6.55 5.03
CA GLY A 30 -15.42 6.05 3.71
C GLY A 30 -14.48 6.59 2.62
N MET A 31 -13.37 7.23 3.03
CA MET A 31 -12.43 7.80 2.08
C MET A 31 -11.03 7.21 2.26
N CYS A 32 -10.20 7.36 1.24
CA CYS A 32 -8.83 6.86 1.26
C CYS A 32 -8.00 7.67 2.28
N SER A 33 -6.69 7.44 2.32
CA SER A 33 -5.82 8.14 3.29
C SER A 33 -5.51 9.59 2.87
N VAL A 34 -5.65 9.88 1.58
CA VAL A 34 -5.35 11.21 1.05
C VAL A 34 -6.50 12.20 1.27
N CYS A 35 -7.72 11.77 0.99
CA CYS A 35 -8.91 12.62 1.13
C CYS A 35 -9.39 12.71 2.59
N TYR A 36 -9.01 11.72 3.40
CA TYR A 36 -9.41 11.69 4.81
C TYR A 36 -8.95 12.93 5.58
N LYS A 37 -7.68 13.28 5.44
CA LYS A 37 -7.15 14.45 6.16
C LYS A 37 -7.68 15.73 5.54
N GLU A 38 -7.69 15.78 4.20
CA GLU A 38 -8.16 16.96 3.46
C GLU A 38 -9.58 17.36 3.87
N HIS A 39 -10.46 16.37 4.09
CA HIS A 39 -11.83 16.67 4.46
C HIS A 39 -11.99 16.88 5.98
N LEU A 40 -11.18 16.15 6.76
CA LEU A 40 -11.21 16.24 8.23
C LEU A 40 -10.84 17.64 8.71
N GLN A 41 -9.98 18.32 7.94
CA GLN A 41 -9.53 19.67 8.30
C GLN A 41 -10.69 20.68 8.24
N ARG A 42 -11.55 20.54 7.24
CA ARG A 42 -12.69 21.44 7.08
C ARG A 42 -13.84 21.07 8.03
N GLN A 43 -13.94 19.78 8.35
CA GLN A 43 -14.98 19.30 9.25
C GLN A 43 -14.62 19.64 10.69
N GLN A 44 -13.32 19.54 11.01
CA GLN A 44 -12.84 19.84 12.36
C GLN A 44 -12.84 21.35 12.63
N ASN A 45 -12.45 22.13 11.62
CA ASN A 45 -12.40 23.59 11.74
C ASN A 45 -13.81 24.16 11.90
N SER A 46 -14.75 23.64 11.10
CA SER A 46 -16.13 24.11 11.15
C SER A 46 -16.84 23.58 12.40
N MET B 1 1.30 -5.76 11.17
CA MET B 1 0.82 -6.92 10.39
C MET B 1 1.94 -7.42 9.45
N GLN B 2 1.96 -8.73 9.22
CA GLN B 2 2.92 -9.29 8.27
C GLN B 2 2.25 -9.46 6.90
N ILE B 3 3.07 -9.25 5.88
CA ILE B 3 2.67 -9.54 4.50
C ILE B 3 3.87 -10.26 3.83
N PHE B 4 3.55 -10.96 2.75
CA PHE B 4 4.56 -11.76 2.05
C PHE B 4 4.84 -11.15 0.67
N VAL B 5 6.13 -11.15 0.32
CA VAL B 5 6.59 -10.66 -0.99
C VAL B 5 7.33 -11.81 -1.67
N LYS B 6 6.61 -12.44 -2.60
CA LYS B 6 7.17 -13.53 -3.40
C LYS B 6 8.06 -12.97 -4.50
N THR B 7 9.24 -13.61 -4.62
CA THR B 7 10.16 -13.30 -5.72
C THR B 7 10.05 -14.45 -6.72
N LEU B 8 10.59 -14.21 -7.92
CA LEU B 8 10.45 -15.16 -9.04
C LEU B 8 11.38 -16.37 -8.96
N THR B 9 12.40 -16.26 -8.11
CA THR B 9 13.24 -17.40 -7.69
C THR B 9 12.40 -18.45 -6.97
N GLY B 10 11.39 -17.98 -6.23
CA GLY B 10 10.47 -18.83 -5.45
C GLY B 10 10.49 -18.46 -3.97
N LYS B 11 11.59 -17.87 -3.52
CA LYS B 11 11.73 -17.42 -2.12
C LYS B 11 10.63 -16.38 -1.81
N THR B 12 10.24 -16.38 -0.53
CA THR B 12 9.21 -15.45 -0.02
C THR B 12 9.82 -14.63 1.12
N ILE B 13 9.65 -13.32 0.98
CA ILE B 13 10.09 -12.37 2.02
C ILE B 13 8.87 -12.10 2.92
N THR B 14 9.11 -12.20 4.22
CA THR B 14 8.10 -11.80 5.22
C THR B 14 8.49 -10.43 5.76
N LEU B 15 7.51 -9.53 5.76
CA LEU B 15 7.70 -8.17 6.29
C LEU B 15 6.67 -7.84 7.37
N GLU B 16 7.15 -7.09 8.36
CA GLU B 16 6.31 -6.49 9.41
C GLU B 16 6.06 -5.02 9.04
N VAL B 17 4.81 -4.76 8.67
CA VAL B 17 4.41 -3.43 8.16
C VAL B 17 3.15 -2.90 8.87
N GLU B 18 2.81 -1.69 8.49
CA GLU B 18 1.53 -1.02 8.81
C GLU B 18 0.84 -0.65 7.50
N SER B 19 -0.50 -0.58 7.54
CA SER B 19 -1.29 -0.14 6.37
C SER B 19 -0.93 1.28 5.91
N SER B 20 -0.51 2.09 6.89
CA SER B 20 -0.05 3.48 6.67
C SER B 20 1.32 3.60 5.99
N ASP B 21 2.05 2.51 5.87
CA ASP B 21 3.36 2.52 5.20
C ASP B 21 3.23 2.85 3.72
N THR B 22 4.07 3.81 3.31
CA THR B 22 4.20 4.17 1.89
C THR B 22 4.87 3.01 1.15
N ILE B 23 4.58 2.91 -0.15
CA ILE B 23 5.22 1.89 -1.01
C ILE B 23 6.75 2.03 -1.01
N ASP B 24 7.20 3.28 -1.05
CA ASP B 24 8.63 3.60 -0.97
C ASP B 24 9.25 3.06 0.33
N ASN B 25 8.50 3.19 1.43
CA ASN B 25 8.90 2.68 2.74
C ASN B 25 9.02 1.14 2.75
N VAL B 26 8.10 0.48 2.07
CA VAL B 26 8.13 -1.00 1.90
C VAL B 26 9.37 -1.43 1.12
N LYS B 27 9.62 -0.77 -0.01
CA LYS B 27 10.78 -1.07 -0.87
C LYS B 27 12.12 -0.91 -0.12
N SER B 28 12.15 0.09 0.76
CA SER B 28 13.28 0.31 1.70
C SER B 28 13.43 -0.85 2.70
N LYS B 29 12.29 -1.38 3.16
CA LYS B 29 12.25 -2.59 4.03
C LYS B 29 12.76 -3.84 3.29
N ILE B 30 12.52 -3.90 1.98
CA ILE B 30 13.03 -4.97 1.10
C ILE B 30 14.56 -4.85 0.96
N GLN B 31 15.02 -3.62 0.75
CA GLN B 31 16.47 -3.33 0.69
C GLN B 31 17.16 -3.73 2.00
N ASP B 32 16.44 -3.54 3.11
CA ASP B 32 16.92 -3.92 4.45
C ASP B 32 17.04 -5.43 4.68
N LYS B 33 16.29 -6.22 3.93
CA LYS B 33 16.37 -7.70 4.04
C LYS B 33 17.17 -8.36 2.92
N GLU B 34 17.01 -7.86 1.69
CA GLU B 34 17.59 -8.49 0.50
C GLU B 34 18.83 -7.79 -0.05
N GLY B 35 18.88 -6.47 0.12
CA GLY B 35 19.96 -5.62 -0.41
C GLY B 35 19.60 -5.02 -1.79
N ILE B 36 18.39 -5.30 -2.25
CA ILE B 36 17.87 -4.81 -3.54
C ILE B 36 17.61 -3.29 -3.44
N PRO B 37 18.22 -2.53 -4.37
CA PRO B 37 17.97 -1.09 -4.51
C PRO B 37 16.48 -0.82 -4.78
N PRO B 38 15.86 0.07 -4.00
CA PRO B 38 14.43 0.44 -4.11
C PRO B 38 14.02 0.94 -5.49
N ASP B 39 14.94 1.70 -6.13
CA ASP B 39 14.75 2.26 -7.47
C ASP B 39 14.94 1.25 -8.61
N GLN B 40 14.93 -0.04 -8.26
CA GLN B 40 14.96 -1.15 -9.24
C GLN B 40 13.84 -2.18 -8.96
N GLN B 41 12.98 -1.84 -8.01
CA GLN B 41 11.87 -2.71 -7.60
C GLN B 41 10.57 -2.21 -8.23
N ARG B 42 9.82 -3.16 -8.78
CA ARG B 42 8.45 -2.93 -9.28
C ARG B 42 7.52 -3.90 -8.57
N LEU B 43 6.70 -3.34 -7.68
CA LEU B 43 5.78 -4.13 -6.84
C LEU B 43 4.37 -4.18 -7.46
N ILE B 44 3.81 -5.38 -7.43
CA ILE B 44 2.47 -5.64 -7.99
C ILE B 44 1.57 -6.18 -6.87
N PHE B 45 0.32 -5.71 -6.93
CA PHE B 45 -0.78 -6.26 -6.12
C PHE B 45 -2.09 -6.06 -6.86
N ALA B 46 -2.75 -7.19 -7.14
CA ALA B 46 -4.06 -7.22 -7.84
C ALA B 46 -4.03 -6.47 -9.18
N GLY B 47 -2.98 -6.74 -9.95
CA GLY B 47 -2.74 -6.14 -11.29
C GLY B 47 -2.52 -4.63 -11.26
N LYS B 48 -1.93 -4.15 -10.17
CA LYS B 48 -1.63 -2.72 -9.94
C LYS B 48 -0.15 -2.56 -9.58
N GLN B 49 0.49 -1.60 -10.25
CA GLN B 49 1.86 -1.19 -9.89
C GLN B 49 1.77 -0.19 -8.74
N LEU B 50 2.57 -0.45 -7.71
CA LEU B 50 2.52 0.34 -6.47
C LEU B 50 3.32 1.64 -6.62
N GLU B 51 2.69 2.72 -6.14
CA GLU B 51 3.21 4.08 -6.26
C GLU B 51 3.81 4.54 -4.93
N ASP B 52 5.02 5.08 -5.00
CA ASP B 52 5.79 5.45 -3.79
C ASP B 52 5.04 6.32 -2.78
N GLY B 53 4.37 7.37 -3.32
CA GLY B 53 3.61 8.32 -2.50
C GLY B 53 2.22 7.86 -2.07
N ARG B 54 1.90 6.59 -2.32
CA ARG B 54 0.62 6.01 -1.88
C ARG B 54 0.90 5.00 -0.77
N THR B 55 -0.09 4.76 0.08
CA THR B 55 0.06 3.84 1.21
C THR B 55 -0.62 2.51 0.93
N LEU B 56 -0.36 1.53 1.80
CA LEU B 56 -0.96 0.18 1.67
C LEU B 56 -2.50 0.19 1.73
N SER B 57 -3.02 1.06 2.61
CA SER B 57 -4.46 1.26 2.78
C SER B 57 -5.13 1.66 1.46
N ASP B 58 -4.41 2.44 0.64
CA ASP B 58 -4.95 2.93 -0.64
C ASP B 58 -5.18 1.80 -1.66
N TYR B 59 -4.45 0.71 -1.50
CA TYR B 59 -4.56 -0.46 -2.38
C TYR B 59 -5.34 -1.60 -1.71
N ASN B 60 -5.62 -1.42 -0.41
CA ASN B 60 -6.34 -2.40 0.41
C ASN B 60 -5.49 -3.64 0.73
N ILE B 61 -4.18 -3.44 0.76
CA ILE B 61 -3.20 -4.45 1.15
C ILE B 61 -3.29 -4.63 2.67
N GLN B 62 -3.87 -5.74 3.09
CA GLN B 62 -4.07 -6.03 4.49
C GLN B 62 -3.09 -7.11 4.97
N LYS B 63 -3.30 -7.59 6.20
CA LYS B 63 -2.43 -8.65 6.76
C LYS B 63 -2.56 -9.92 5.92
N GLU B 64 -1.42 -10.59 5.73
CA GLU B 64 -1.34 -11.88 4.99
C GLU B 64 -1.47 -11.74 3.46
N SER B 65 -1.47 -10.49 2.98
CA SER B 65 -1.50 -10.24 1.53
C SER B 65 -0.14 -10.60 0.93
N THR B 66 -0.19 -11.15 -0.28
CA THR B 66 1.05 -11.45 -1.00
C THR B 66 1.08 -10.66 -2.32
N LEU B 67 2.23 -10.02 -2.50
CA LEU B 67 2.55 -9.19 -3.66
C LEU B 67 3.58 -9.95 -4.51
N HIS B 68 3.74 -9.46 -5.73
CA HIS B 68 4.77 -9.99 -6.64
C HIS B 68 5.79 -8.90 -6.98
N LEU B 69 7.01 -9.38 -7.19
CA LEU B 69 8.15 -8.53 -7.55
C LEU B 69 8.65 -8.90 -8.96
N VAL B 70 8.80 -7.84 -9.79
CA VAL B 70 9.38 -7.96 -11.11
C VAL B 70 10.68 -7.13 -11.05
N LEU B 71 11.75 -7.67 -11.63
CA LEU B 71 13.04 -7.02 -11.56
C LEU B 71 13.27 -6.15 -12.80
ZN ZN C . -10.72 8.92 -1.94
N GLY A 12 -16.35 -5.16 1.78
CA GLY A 12 -15.05 -5.57 1.26
C GLY A 12 -14.37 -4.46 0.47
N PRO A 13 -14.52 -4.42 -0.88
CA PRO A 13 -13.89 -3.37 -1.69
C PRO A 13 -14.52 -2.00 -1.47
N MET A 14 -14.14 -1.36 -0.35
CA MET A 14 -14.67 -0.04 -0.02
C MET A 14 -13.90 1.05 -0.77
N LEU A 15 -14.35 1.36 -1.98
CA LEU A 15 -13.71 2.38 -2.80
C LEU A 15 -14.03 3.78 -2.27
N CYS A 16 -13.07 4.70 -2.37
CA CYS A 16 -13.22 6.07 -1.88
C CYS A 16 -14.57 6.71 -2.25
N SER A 17 -15.20 7.32 -1.25
CA SER A 17 -16.51 7.97 -1.42
C SER A 17 -16.41 9.17 -2.37
N THR A 18 -15.26 9.86 -2.35
CA THR A 18 -15.07 11.04 -3.20
C THR A 18 -14.88 10.66 -4.67
N GLY A 19 -14.64 9.36 -4.96
CA GLY A 19 -14.46 8.92 -6.35
C GLY A 19 -13.10 9.32 -6.90
N CYS A 20 -12.05 9.14 -6.11
CA CYS A 20 -10.70 9.49 -6.54
C CYS A 20 -10.04 8.38 -7.37
N GLY A 21 -10.65 7.18 -7.39
CA GLY A 21 -10.11 6.06 -8.17
C GLY A 21 -9.23 5.12 -7.35
N PHE A 22 -9.14 5.34 -6.04
CA PHE A 22 -8.32 4.49 -5.17
C PHE A 22 -9.15 3.89 -4.05
N TYR A 23 -8.61 2.87 -3.39
CA TYR A 23 -9.32 2.20 -2.31
C TYR A 23 -9.34 3.05 -1.04
N GLY A 24 -10.48 3.02 -0.33
CA GLY A 24 -10.62 3.80 0.90
C GLY A 24 -10.14 3.01 2.11
N ASN A 25 -10.94 3.00 3.18
CA ASN A 25 -10.58 2.28 4.40
C ASN A 25 -11.75 2.29 5.39
N PRO A 26 -12.27 1.11 5.79
CA PRO A 26 -13.40 1.05 6.76
C PRO A 26 -12.99 1.53 8.16
N ARG A 27 -11.67 1.55 8.44
CA ARG A 27 -11.17 2.04 9.72
C ARG A 27 -11.25 3.57 9.77
N THR A 28 -10.88 4.21 8.65
CA THR A 28 -10.94 5.67 8.53
C THR A 28 -12.41 6.07 8.26
N ASN A 29 -12.63 7.21 7.60
CA ASN A 29 -13.99 7.67 7.30
C ASN A 29 -14.48 7.15 5.94
N GLY A 30 -13.95 6.00 5.48
CA GLY A 30 -14.34 5.45 4.19
C GLY A 30 -13.53 6.06 3.05
N MET A 31 -12.46 6.82 3.39
CA MET A 31 -11.63 7.47 2.39
C MET A 31 -10.17 7.03 2.50
N CYS A 32 -9.41 7.25 1.44
CA CYS A 32 -8.00 6.89 1.40
C CYS A 32 -7.20 7.81 2.33
N SER A 33 -5.87 7.70 2.33
CA SER A 33 -5.03 8.53 3.21
C SER A 33 -4.88 9.97 2.71
N VAL A 34 -5.39 10.24 1.52
CA VAL A 34 -5.28 11.57 0.91
C VAL A 34 -6.51 12.45 1.21
N CYS A 35 -7.70 11.94 0.93
CA CYS A 35 -8.95 12.66 1.14
C CYS A 35 -9.33 12.76 2.62
N TYR A 36 -8.85 11.80 3.41
CA TYR A 36 -9.17 11.77 4.86
C TYR A 36 -8.70 13.04 5.58
N LYS A 37 -7.45 13.44 5.34
CA LYS A 37 -6.91 14.64 6.00
C LYS A 37 -7.54 15.90 5.41
N GLU A 38 -7.64 15.92 4.08
CA GLU A 38 -8.20 17.06 3.35
C GLU A 38 -9.60 17.42 3.85
N HIS A 39 -10.43 16.41 4.14
CA HIS A 39 -11.79 16.67 4.61
C HIS A 39 -11.84 16.89 6.13
N LEU A 40 -10.96 16.19 6.86
CA LEU A 40 -10.90 16.31 8.33
C LEU A 40 -10.54 17.74 8.76
N GLN A 41 -9.76 18.43 7.94
CA GLN A 41 -9.35 19.80 8.24
C GLN A 41 -10.54 20.76 8.25
N ARG A 42 -11.47 20.57 7.31
CA ARG A 42 -12.65 21.43 7.22
C ARG A 42 -13.71 21.03 8.25
N GLN A 43 -13.74 19.74 8.59
CA GLN A 43 -14.69 19.23 9.56
C GLN A 43 -14.25 19.62 10.98
N GLN A 44 -12.94 19.58 11.21
CA GLN A 44 -12.37 19.91 12.52
C GLN A 44 -12.42 21.43 12.76
N ASN A 45 -12.11 22.20 11.72
CA ASN A 45 -12.12 23.66 11.83
C ASN A 45 -13.53 24.18 12.07
N SER A 46 -14.51 23.62 11.35
CA SER A 46 -15.90 24.03 11.48
C SER A 46 -16.50 23.50 12.79
N MET B 1 1.23 -5.34 11.20
CA MET B 1 0.76 -6.55 10.48
C MET B 1 1.84 -7.05 9.53
N GLN B 2 1.89 -8.37 9.36
CA GLN B 2 2.83 -8.94 8.40
C GLN B 2 2.11 -9.19 7.06
N ILE B 3 2.89 -9.01 6.01
CA ILE B 3 2.45 -9.37 4.66
C ILE B 3 3.64 -10.09 3.98
N PHE B 4 3.30 -10.85 2.93
CA PHE B 4 4.31 -11.65 2.23
C PHE B 4 4.52 -11.09 0.82
N VAL B 5 5.78 -11.07 0.42
CA VAL B 5 6.19 -10.63 -0.92
C VAL B 5 6.94 -11.79 -1.59
N LYS B 6 6.20 -12.48 -2.46
CA LYS B 6 6.76 -13.59 -3.23
C LYS B 6 7.60 -13.06 -4.40
N THR B 7 8.78 -13.67 -4.52
CA THR B 7 9.65 -13.40 -5.67
C THR B 7 9.53 -14.58 -6.62
N LEU B 8 10.02 -14.39 -7.84
CA LEU B 8 9.86 -15.38 -8.92
C LEU B 8 10.84 -16.57 -8.83
N THR B 9 11.87 -16.39 -8.02
CA THR B 9 12.76 -17.49 -7.58
C THR B 9 11.96 -18.54 -6.78
N GLY B 10 10.98 -18.05 -6.04
CA GLY B 10 10.11 -18.90 -5.19
C GLY B 10 10.17 -18.47 -3.71
N LYS B 11 11.27 -17.83 -3.33
CA LYS B 11 11.45 -17.31 -1.96
C LYS B 11 10.34 -16.29 -1.65
N THR B 12 9.99 -16.24 -0.37
CA THR B 12 8.97 -15.31 0.14
C THR B 12 9.60 -14.44 1.22
N ILE B 13 9.39 -13.13 1.04
CA ILE B 13 9.83 -12.13 2.02
C ILE B 13 8.65 -11.86 2.96
N THR B 14 8.93 -11.88 4.25
CA THR B 14 7.95 -11.47 5.26
C THR B 14 8.34 -10.07 5.73
N LEU B 15 7.33 -9.19 5.73
CA LEU B 15 7.51 -7.81 6.19
C LEU B 15 6.51 -7.45 7.30
N GLU B 16 7.00 -6.65 8.23
CA GLU B 16 6.18 -6.03 9.29
C GLU B 16 5.89 -4.58 8.87
N VAL B 17 4.61 -4.36 8.53
CA VAL B 17 4.17 -3.07 7.99
C VAL B 17 2.92 -2.54 8.72
N GLU B 18 2.54 -1.35 8.29
CA GLU B 18 1.26 -0.71 8.64
C GLU B 18 0.51 -0.40 7.34
N SER B 19 -0.83 -0.36 7.43
CA SER B 19 -1.67 0.02 6.27
C SER B 19 -1.37 1.43 5.75
N SER B 20 -0.93 2.28 6.68
CA SER B 20 -0.51 3.66 6.39
C SER B 20 0.81 3.80 5.63
N ASP B 21 1.57 2.71 5.52
CA ASP B 21 2.86 2.72 4.79
C ASP B 21 2.64 3.01 3.31
N THR B 22 3.44 3.96 2.82
CA THR B 22 3.48 4.28 1.38
C THR B 22 4.15 3.11 0.65
N ILE B 23 3.80 2.96 -0.63
CA ILE B 23 4.42 1.91 -1.48
C ILE B 23 5.94 2.09 -1.57
N ASP B 24 6.35 3.35 -1.66
CA ASP B 24 7.78 3.72 -1.66
C ASP B 24 8.48 3.23 -0.39
N ASN B 25 7.78 3.38 0.74
CA ASN B 25 8.27 2.92 2.06
C ASN B 25 8.42 1.40 2.12
N VAL B 26 7.48 0.68 1.50
CA VAL B 26 7.53 -0.79 1.38
C VAL B 26 8.76 -1.23 0.55
N LYS B 27 8.93 -0.60 -0.60
CA LYS B 27 10.06 -0.91 -1.51
C LYS B 27 11.42 -0.69 -0.83
N SER B 28 11.47 0.35 0.01
CA SER B 28 12.63 0.62 0.88
C SER B 28 12.87 -0.50 1.91
N LYS B 29 11.77 -1.04 2.45
CA LYS B 29 11.79 -2.21 3.35
C LYS B 29 12.31 -3.47 2.64
N ILE B 30 12.00 -3.59 1.35
CA ILE B 30 12.50 -4.68 0.48
C ILE B 30 14.00 -4.53 0.26
N GLN B 31 14.44 -3.29 -0.01
CA GLN B 31 15.86 -2.97 -0.15
C GLN B 31 16.62 -3.31 1.14
N ASP B 32 15.97 -3.09 2.27
CA ASP B 32 16.51 -3.42 3.59
C ASP B 32 16.68 -4.92 3.87
N LYS B 33 15.91 -5.75 3.20
CA LYS B 33 16.04 -7.21 3.35
C LYS B 33 16.80 -7.90 2.21
N GLU B 34 16.56 -7.45 0.98
CA GLU B 34 17.10 -8.11 -0.22
C GLU B 34 18.30 -7.40 -0.86
N GLY B 35 18.31 -6.07 -0.73
CA GLY B 35 19.35 -5.21 -1.34
C GLY B 35 18.92 -4.68 -2.72
N ILE B 36 17.68 -5.00 -3.11
CA ILE B 36 17.10 -4.57 -4.39
C ILE B 36 16.81 -3.06 -4.34
N PRO B 37 17.35 -2.32 -5.33
CA PRO B 37 17.06 -0.89 -5.50
C PRO B 37 15.55 -0.67 -5.71
N PRO B 38 14.95 0.25 -4.92
CA PRO B 38 13.50 0.57 -4.97
C PRO B 38 13.02 1.01 -6.36
N ASP B 39 13.89 1.76 -7.06
CA ASP B 39 13.61 2.27 -8.41
C ASP B 39 13.78 1.22 -9.53
N GLN B 40 13.82 -0.05 -9.13
CA GLN B 40 13.82 -1.19 -10.07
C GLN B 40 12.75 -2.24 -9.70
N GLN B 41 11.93 -1.89 -8.72
CA GLN B 41 10.85 -2.76 -8.23
C GLN B 41 9.52 -2.31 -8.81
N ARG B 42 8.76 -3.30 -9.29
CA ARG B 42 7.38 -3.13 -9.73
C ARG B 42 6.49 -4.09 -8.94
N LEU B 43 5.71 -3.52 -8.02
CA LEU B 43 4.85 -4.30 -7.13
C LEU B 43 3.41 -4.40 -7.65
N ILE B 44 2.88 -5.62 -7.56
CA ILE B 44 1.52 -5.93 -8.05
C ILE B 44 0.69 -6.45 -6.87
N PHE B 45 -0.56 -6.01 -6.88
CA PHE B 45 -1.60 -6.55 -5.99
C PHE B 45 -2.98 -6.31 -6.63
N ALA B 46 -3.74 -7.39 -6.72
CA ALA B 46 -5.12 -7.38 -7.28
C ALA B 46 -5.17 -6.72 -8.68
N GLY B 47 -4.19 -7.07 -9.50
CA GLY B 47 -4.05 -6.57 -10.89
C GLY B 47 -3.79 -5.06 -10.98
N LYS B 48 -3.11 -4.53 -9.98
CA LYS B 48 -2.78 -3.10 -9.88
C LYS B 48 -1.28 -2.94 -9.60
N GLN B 49 -0.66 -2.03 -10.37
CA GLN B 49 0.73 -1.63 -10.12
C GLN B 49 0.73 -0.55 -9.03
N LEU B 50 1.58 -0.77 -8.03
CA LEU B 50 1.62 0.10 -6.85
C LEU B 50 2.43 1.37 -7.13
N GLU B 51 1.84 2.49 -6.69
CA GLU B 51 2.38 3.83 -6.92
C GLU B 51 3.06 4.36 -5.66
N ASP B 52 4.24 4.94 -5.85
CA ASP B 52 5.10 5.39 -4.71
C ASP B 52 4.39 6.27 -3.68
N GLY B 53 3.64 7.27 -4.20
CA GLY B 53 2.91 8.23 -3.37
C GLY B 53 1.58 7.73 -2.80
N ARG B 54 1.28 6.44 -2.98
CA ARG B 54 0.07 5.83 -2.43
C ARG B 54 0.47 4.90 -1.28
N THR B 55 -0.50 4.51 -0.46
CA THR B 55 -0.24 3.65 0.69
C THR B 55 -0.96 2.31 0.57
N LEU B 56 -0.64 1.39 1.48
CA LEU B 56 -1.27 0.05 1.49
C LEU B 56 -2.79 0.09 1.65
N SER B 57 -3.24 1.03 2.51
CA SER B 57 -4.66 1.27 2.77
C SER B 57 -5.40 1.65 1.49
N ASP B 58 -4.70 2.30 0.56
CA ASP B 58 -5.29 2.77 -0.71
C ASP B 58 -5.46 1.63 -1.73
N TYR B 59 -5.19 0.41 -1.30
CA TYR B 59 -5.30 -0.77 -2.17
C TYR B 59 -6.05 -1.91 -1.46
N ASN B 60 -6.28 -1.72 -0.15
CA ASN B 60 -6.96 -2.71 0.71
C ASN B 60 -6.07 -3.93 1.01
N ILE B 61 -4.76 -3.69 0.99
CA ILE B 61 -3.75 -4.68 1.36
C ILE B 61 -3.78 -4.83 2.89
N GLN B 62 -4.32 -5.94 3.36
CA GLN B 62 -4.44 -6.20 4.78
C GLN B 62 -3.44 -7.26 5.23
N LYS B 63 -3.58 -7.71 6.47
CA LYS B 63 -2.66 -8.73 7.03
C LYS B 63 -2.81 -10.03 6.22
N GLU B 64 -1.66 -10.68 6.00
CA GLU B 64 -1.60 -11.99 5.29
C GLU B 64 -1.79 -11.89 3.77
N SER B 65 -1.84 -10.65 3.26
CA SER B 65 -1.93 -10.43 1.80
C SER B 65 -0.59 -10.78 1.15
N THR B 66 -0.68 -11.36 -0.04
CA THR B 66 0.53 -11.65 -0.81
C THR B 66 0.49 -10.90 -2.14
N LEU B 67 1.62 -10.25 -2.39
CA LEU B 67 1.88 -9.43 -3.58
C LEU B 67 2.88 -10.20 -4.45
N HIS B 68 2.99 -9.74 -5.69
CA HIS B 68 3.98 -10.27 -6.63
C HIS B 68 4.96 -9.17 -7.04
N LEU B 69 6.18 -9.64 -7.30
CA LEU B 69 7.29 -8.79 -7.72
C LEU B 69 7.73 -9.18 -9.14
N VAL B 70 7.83 -8.14 -10.00
CA VAL B 70 8.36 -8.27 -11.34
C VAL B 70 9.64 -7.42 -11.36
N LEU B 71 10.70 -7.95 -11.96
CA LEU B 71 11.99 -7.29 -11.97
C LEU B 71 12.14 -6.44 -13.24
ZN ZN C . -9.87 9.23 -2.02
N GLY A 12 -17.48 -5.34 -0.67
CA GLY A 12 -16.08 -5.61 -0.38
C GLY A 12 -15.16 -4.50 -0.90
N PRO A 13 -15.07 -4.30 -2.24
CA PRO A 13 -14.20 -3.25 -2.81
C PRO A 13 -14.74 -1.85 -2.52
N MET A 14 -14.49 -1.38 -1.28
CA MET A 14 -14.94 -0.06 -0.86
C MET A 14 -14.10 1.02 -1.54
N LEU A 15 -14.48 1.35 -2.79
CA LEU A 15 -13.75 2.36 -3.56
C LEU A 15 -14.09 3.77 -3.06
N CYS A 16 -13.10 4.67 -3.08
CA CYS A 16 -13.28 6.05 -2.60
C CYS A 16 -14.60 6.71 -3.05
N SER A 17 -15.29 7.32 -2.09
CA SER A 17 -16.57 7.99 -2.35
C SER A 17 -16.39 9.19 -3.28
N THR A 18 -15.24 9.87 -3.17
CA THR A 18 -14.97 11.04 -4.01
C THR A 18 -14.68 10.67 -5.47
N GLY A 19 -14.43 9.37 -5.75
CA GLY A 19 -14.16 8.93 -7.12
C GLY A 19 -12.76 9.31 -7.57
N CYS A 20 -11.77 9.12 -6.70
CA CYS A 20 -10.38 9.46 -7.03
C CYS A 20 -9.67 8.32 -7.79
N GLY A 21 -10.26 7.11 -7.79
CA GLY A 21 -9.66 5.96 -8.50
C GLY A 21 -8.81 5.06 -7.60
N PHE A 22 -8.78 5.35 -6.30
CA PHE A 22 -8.00 4.55 -5.35
C PHE A 22 -8.89 3.87 -4.32
N TYR A 23 -8.32 2.95 -3.57
CA TYR A 23 -9.07 2.22 -2.55
C TYR A 23 -9.15 3.00 -1.24
N GLY A 24 -10.32 2.98 -0.61
CA GLY A 24 -10.52 3.69 0.65
C GLY A 24 -10.67 2.72 1.81
N ASN A 25 -10.48 3.22 3.03
CA ASN A 25 -10.61 2.39 4.22
C ASN A 25 -12.03 2.43 4.77
N PRO A 26 -12.70 1.28 4.95
CA PRO A 26 -14.09 1.27 5.50
C PRO A 26 -14.15 1.73 6.97
N ARG A 27 -13.00 1.70 7.66
CA ARG A 27 -12.93 2.16 9.05
C ARG A 27 -12.96 3.69 9.09
N THR A 28 -12.39 4.32 8.04
CA THR A 28 -12.38 5.77 7.93
C THR A 28 -13.76 6.23 7.43
N ASN A 29 -13.84 7.39 6.75
CA ASN A 29 -15.11 7.89 6.24
C ASN A 29 -15.41 7.39 4.82
N GLY A 30 -14.86 6.23 4.45
CA GLY A 30 -15.07 5.67 3.11
C GLY A 30 -14.06 6.26 2.11
N MET A 31 -13.03 6.97 2.61
CA MET A 31 -12.03 7.60 1.75
C MET A 31 -10.62 7.08 2.09
N CYS A 32 -9.70 7.28 1.16
CA CYS A 32 -8.32 6.86 1.33
C CYS A 32 -7.62 7.80 2.32
N SER A 33 -6.28 7.70 2.43
CA SER A 33 -5.54 8.55 3.37
C SER A 33 -5.49 10.02 2.96
N VAL A 34 -5.60 10.29 1.66
CA VAL A 34 -5.53 11.65 1.13
C VAL A 34 -6.87 12.40 1.28
N CYS A 35 -7.93 11.84 0.70
CA CYS A 35 -9.26 12.46 0.75
C CYS A 35 -9.78 12.61 2.17
N TYR A 36 -9.46 11.65 3.03
CA TYR A 36 -9.91 11.67 4.43
C TYR A 36 -9.43 12.92 5.18
N LYS A 37 -8.14 13.23 5.07
CA LYS A 37 -7.58 14.40 5.76
C LYS A 37 -8.06 15.68 5.07
N GLU A 38 -8.02 15.68 3.74
CA GLU A 38 -8.42 16.84 2.95
C GLU A 38 -9.84 17.32 3.30
N HIS A 39 -10.76 16.36 3.52
CA HIS A 39 -12.15 16.73 3.84
C HIS A 39 -12.33 16.99 5.34
N LEU A 40 -11.57 16.25 6.17
CA LEU A 40 -11.66 16.41 7.63
C LEU A 40 -11.25 17.81 8.08
N GLN A 41 -10.34 18.43 7.32
CA GLN A 41 -9.85 19.77 7.65
C GLN A 41 -10.97 20.82 7.52
N ARG A 42 -11.81 20.67 6.49
CA ARG A 42 -12.92 21.60 6.27
C ARG A 42 -14.10 21.30 7.19
N GLN A 43 -14.26 20.03 7.55
CA GLN A 43 -15.34 19.61 8.43
C GLN A 43 -15.01 20.00 9.88
N GLN A 44 -13.73 19.87 10.25
CA GLN A 44 -13.28 20.20 11.59
C GLN A 44 -13.24 21.71 11.80
N ASN A 45 -12.78 22.43 10.78
CA ASN A 45 -12.69 23.90 10.87
C ASN A 45 -14.08 24.53 10.96
N SER A 46 -15.02 24.00 10.15
CA SER A 46 -16.39 24.52 10.13
C SER A 46 -17.15 24.06 11.38
N MET B 1 1.44 -6.75 11.39
CA MET B 1 0.98 -7.86 10.53
C MET B 1 2.10 -8.27 9.56
N GLN B 2 2.12 -9.57 9.24
CA GLN B 2 3.08 -10.04 8.24
C GLN B 2 2.40 -10.13 6.88
N ILE B 3 3.22 -9.84 5.86
CA ILE B 3 2.80 -10.03 4.46
C ILE B 3 4.00 -10.68 3.75
N PHE B 4 3.69 -11.31 2.62
CA PHE B 4 4.70 -12.05 1.85
C PHE B 4 4.95 -11.35 0.52
N VAL B 5 6.23 -11.30 0.16
CA VAL B 5 6.68 -10.71 -1.12
C VAL B 5 7.43 -11.80 -1.89
N LYS B 6 6.71 -12.37 -2.86
CA LYS B 6 7.27 -13.40 -3.73
C LYS B 6 8.16 -12.75 -4.80
N THR B 7 9.33 -13.36 -4.96
CA THR B 7 10.25 -12.98 -6.05
C THR B 7 10.14 -14.05 -7.14
N LEU B 8 10.66 -13.72 -8.32
CA LEU B 8 10.52 -14.58 -9.50
C LEU B 8 11.47 -15.79 -9.51
N THR B 9 12.49 -15.71 -8.67
CA THR B 9 13.35 -16.88 -8.35
C THR B 9 12.52 -18.00 -7.69
N GLY B 10 11.52 -17.58 -6.91
CA GLY B 10 10.62 -18.50 -6.19
C GLY B 10 10.64 -18.25 -4.68
N LYS B 11 11.74 -17.67 -4.20
CA LYS B 11 11.89 -17.31 -2.78
C LYS B 11 10.78 -16.31 -2.38
N THR B 12 10.39 -16.41 -1.11
CA THR B 12 9.36 -15.53 -0.52
C THR B 12 9.97 -14.79 0.67
N ILE B 13 9.79 -13.47 0.63
CA ILE B 13 10.23 -12.59 1.73
C ILE B 13 9.02 -12.41 2.66
N THR B 14 9.27 -12.59 3.96
CA THR B 14 8.25 -12.27 4.98
C THR B 14 8.64 -10.94 5.62
N LEU B 15 7.66 -10.06 5.69
CA LEU B 15 7.83 -8.74 6.30
C LEU B 15 6.81 -8.50 7.42
N GLU B 16 7.29 -7.82 8.46
CA GLU B 16 6.44 -7.30 9.55
C GLU B 16 6.18 -5.81 9.29
N VAL B 17 4.92 -5.53 8.95
CA VAL B 17 4.52 -4.18 8.55
C VAL B 17 3.25 -3.72 9.30
N GLU B 18 2.90 -2.48 9.01
CA GLU B 18 1.62 -1.86 9.38
C GLU B 18 0.91 -1.40 8.11
N SER B 19 -0.43 -1.35 8.16
CA SER B 19 -1.24 -0.83 7.04
C SER B 19 -0.89 0.63 6.67
N SER B 20 -0.46 1.37 7.70
CA SER B 20 -0.01 2.76 7.57
C SER B 20 1.35 2.95 6.88
N ASP B 21 2.09 1.86 6.67
CA ASP B 21 3.39 1.92 5.99
C ASP B 21 3.23 2.36 4.54
N THR B 22 4.07 3.34 4.18
CA THR B 22 4.17 3.80 2.79
C THR B 22 4.84 2.69 1.97
N ILE B 23 4.54 2.68 0.67
CA ILE B 23 5.16 1.72 -0.27
C ILE B 23 6.69 1.87 -0.29
N ASP B 24 7.13 3.12 -0.24
CA ASP B 24 8.57 3.45 -0.16
C ASP B 24 9.22 2.82 1.09
N ASN B 25 8.48 2.86 2.20
CA ASN B 25 8.90 2.27 3.48
C ASN B 25 9.02 0.74 3.39
N VAL B 26 8.09 0.11 2.67
CA VAL B 26 8.12 -1.35 2.39
C VAL B 26 9.36 -1.72 1.57
N LYS B 27 9.59 -0.98 0.49
CA LYS B 27 10.74 -1.21 -0.40
C LYS B 27 12.08 -1.10 0.33
N SER B 28 12.12 -0.16 1.28
CA SER B 28 13.26 0.00 2.22
C SER B 28 13.43 -1.23 3.14
N LYS B 29 12.31 -1.79 3.58
CA LYS B 29 12.28 -3.06 4.35
C LYS B 29 12.78 -4.25 3.53
N ILE B 30 12.52 -4.22 2.22
CA ILE B 30 13.03 -5.23 1.26
C ILE B 30 14.55 -5.10 1.11
N GLN B 31 15.01 -3.86 0.97
CA GLN B 31 16.45 -3.55 0.93
C GLN B 31 17.16 -4.04 2.20
N ASP B 32 16.46 -3.92 3.32
CA ASP B 32 16.95 -4.39 4.63
C ASP B 32 17.09 -5.92 4.76
N LYS B 33 16.32 -6.66 3.96
CA LYS B 33 16.41 -8.14 3.97
C LYS B 33 17.20 -8.72 2.79
N GLU B 34 17.02 -8.13 1.61
CA GLU B 34 17.59 -8.68 0.37
C GLU B 34 18.82 -7.94 -0.15
N GLY B 35 18.86 -6.63 0.11
CA GLY B 35 19.93 -5.75 -0.38
C GLY B 35 19.56 -5.06 -1.71
N ILE B 36 18.34 -5.31 -2.16
CA ILE B 36 17.81 -4.74 -3.41
C ILE B 36 17.55 -3.23 -3.22
N PRO B 37 18.13 -2.41 -4.10
CA PRO B 37 17.88 -0.95 -4.13
C PRO B 37 16.39 -0.67 -4.37
N PRO B 38 15.77 0.17 -3.51
CA PRO B 38 14.34 0.53 -3.59
C PRO B 38 13.90 1.12 -4.92
N ASP B 39 14.82 1.92 -5.51
CA ASP B 39 14.61 2.57 -6.82
C ASP B 39 14.79 1.63 -8.04
N GLN B 40 14.79 0.33 -7.76
CA GLN B 40 14.81 -0.70 -8.81
C GLN B 40 13.70 -1.76 -8.59
N GLN B 41 12.84 -1.49 -7.61
CA GLN B 41 11.74 -2.38 -7.24
C GLN B 41 10.44 -1.84 -7.82
N ARG B 42 9.69 -2.77 -8.43
CA ARG B 42 8.31 -2.50 -8.89
C ARG B 42 7.38 -3.53 -8.23
N LEU B 43 6.58 -3.03 -7.30
CA LEU B 43 5.66 -3.89 -6.51
C LEU B 43 4.26 -3.90 -7.10
N ILE B 44 3.69 -5.10 -7.15
CA ILE B 44 2.35 -5.33 -7.71
C ILE B 44 1.46 -5.94 -6.62
N PHE B 45 0.22 -5.48 -6.62
CA PHE B 45 -0.87 -6.09 -5.84
C PHE B 45 -2.21 -5.75 -6.49
N ALA B 46 -2.99 -6.79 -6.72
CA ALA B 46 -4.35 -6.69 -7.32
C ALA B 46 -4.33 -5.99 -8.70
N GLY B 47 -3.32 -6.34 -9.50
CA GLY B 47 -3.12 -5.81 -10.86
C GLY B 47 -2.79 -4.30 -10.90
N LYS B 48 -2.12 -3.85 -9.85
CA LYS B 48 -1.72 -2.44 -9.69
C LYS B 48 -0.24 -2.36 -9.32
N GLN B 49 0.46 -1.46 -10.01
CA GLN B 49 1.85 -1.13 -9.66
C GLN B 49 1.84 -0.09 -8.53
N LEU B 50 2.62 -0.39 -7.50
CA LEU B 50 2.63 0.43 -6.29
C LEU B 50 3.51 1.67 -6.46
N GLU B 51 2.95 2.80 -6.01
CA GLU B 51 3.56 4.12 -6.15
C GLU B 51 4.18 4.57 -4.84
N ASP B 52 5.37 5.16 -4.93
CA ASP B 52 6.16 5.52 -3.73
C ASP B 52 5.42 6.35 -2.68
N GLY B 53 4.69 7.37 -3.16
CA GLY B 53 3.92 8.29 -2.31
C GLY B 53 2.57 7.75 -1.84
N ARG B 54 2.28 6.48 -2.11
CA ARG B 54 1.04 5.84 -1.66
C ARG B 54 1.38 4.89 -0.52
N THR B 55 0.37 4.41 0.19
CA THR B 55 0.57 3.50 1.32
C THR B 55 -0.15 2.17 1.10
N LEU B 56 0.10 1.22 2.00
CA LEU B 56 -0.53 -0.13 1.92
C LEU B 56 -2.06 -0.07 2.01
N SER B 57 -2.54 0.84 2.87
CA SER B 57 -3.98 1.07 3.07
C SER B 57 -4.61 1.75 1.84
N ASP B 58 -3.75 2.32 0.98
CA ASP B 58 -4.21 3.04 -0.23
C ASP B 58 -4.52 2.09 -1.40
N TYR B 59 -3.81 0.97 -1.44
CA TYR B 59 -3.99 -0.05 -2.49
C TYR B 59 -4.83 -1.23 -1.99
N ASN B 60 -5.28 -1.13 -0.74
CA ASN B 60 -6.09 -2.16 -0.08
C ASN B 60 -5.27 -3.41 0.27
N ILE B 61 -3.96 -3.22 0.37
CA ILE B 61 -2.99 -4.25 0.80
C ILE B 61 -3.16 -4.41 2.31
N GLN B 62 -3.76 -5.52 2.70
CA GLN B 62 -4.02 -5.80 4.10
C GLN B 62 -3.08 -6.90 4.62
N LYS B 63 -3.34 -7.37 5.84
CA LYS B 63 -2.51 -8.42 6.45
C LYS B 63 -2.62 -9.70 5.60
N GLU B 64 -1.48 -10.38 5.47
CA GLU B 64 -1.38 -11.67 4.74
C GLU B 64 -1.44 -11.54 3.21
N SER B 65 -1.42 -10.30 2.72
CA SER B 65 -1.37 -10.04 1.26
C SER B 65 0.00 -10.42 0.73
N THR B 66 -0.01 -10.97 -0.49
CA THR B 66 1.26 -11.28 -1.15
C THR B 66 1.35 -10.50 -2.47
N LEU B 67 2.51 -9.88 -2.61
CA LEU B 67 2.89 -9.05 -3.76
C LEU B 67 3.95 -9.83 -4.56
N HIS B 68 4.16 -9.34 -5.77
CA HIS B 68 5.23 -9.89 -6.64
C HIS B 68 6.27 -8.81 -6.95
N LEU B 69 7.49 -9.31 -7.10
CA LEU B 69 8.66 -8.48 -7.42
C LEU B 69 9.21 -8.85 -8.80
N VAL B 70 9.40 -7.79 -9.63
CA VAL B 70 10.04 -7.92 -10.91
C VAL B 70 11.34 -7.10 -10.82
N LEU B 71 12.42 -7.66 -11.34
CA LEU B 71 13.72 -7.03 -11.23
C LEU B 71 14.01 -6.16 -12.46
ZN ZN C . -9.89 9.15 -2.46
N GLY A 12 -17.86 -4.93 -2.86
CA GLY A 12 -16.49 -5.34 -2.57
C GLY A 12 -15.47 -4.24 -2.89
N PRO A 13 -15.24 -3.92 -4.20
CA PRO A 13 -14.28 -2.89 -4.58
C PRO A 13 -14.78 -1.49 -4.21
N MET A 14 -14.65 -1.14 -2.93
CA MET A 14 -15.09 0.17 -2.45
C MET A 14 -14.14 1.26 -2.94
N LEU A 15 -14.35 1.71 -4.19
CA LEU A 15 -13.51 2.74 -4.79
C LEU A 15 -13.86 4.12 -4.20
N CYS A 16 -12.83 4.96 -4.04
CA CYS A 16 -13.00 6.31 -3.46
C CYS A 16 -14.23 7.07 -3.99
N SER A 17 -15.00 7.63 -3.06
CA SER A 17 -16.21 8.38 -3.40
C SER A 17 -15.88 9.64 -4.19
N THR A 18 -14.72 10.25 -3.91
CA THR A 18 -14.31 11.47 -4.61
C THR A 18 -13.88 11.21 -6.06
N GLY A 19 -13.66 9.93 -6.42
CA GLY A 19 -13.26 9.59 -7.79
C GLY A 19 -11.81 9.94 -8.05
N CYS A 20 -10.93 9.62 -7.10
CA CYS A 20 -9.50 9.91 -7.26
C CYS A 20 -8.77 8.82 -8.06
N GLY A 21 -9.40 7.65 -8.26
CA GLY A 21 -8.79 6.57 -9.02
C GLY A 21 -8.08 5.53 -8.14
N PHE A 22 -8.18 5.67 -6.82
CA PHE A 22 -7.53 4.73 -5.90
C PHE A 22 -8.57 4.01 -5.04
N TYR A 23 -8.09 3.20 -4.09
CA TYR A 23 -8.97 2.45 -3.22
C TYR A 23 -9.18 3.17 -1.89
N GLY A 24 -10.44 3.25 -1.45
CA GLY A 24 -10.77 3.90 -0.19
C GLY A 24 -11.04 2.90 0.91
N ASN A 25 -10.46 3.12 2.08
CA ASN A 25 -10.65 2.22 3.22
C ASN A 25 -12.11 2.22 3.68
N PRO A 26 -12.78 1.05 3.72
CA PRO A 26 -14.20 0.99 4.17
C PRO A 26 -14.36 1.32 5.66
N ARG A 27 -13.25 1.24 6.42
CA ARG A 27 -13.28 1.59 7.85
C ARG A 27 -13.33 3.11 8.01
N THR A 28 -12.69 3.82 7.06
CA THR A 28 -12.68 5.28 7.07
C THR A 28 -14.04 5.78 6.52
N ASN A 29 -14.08 6.98 5.94
CA ASN A 29 -15.33 7.53 5.39
C ASN A 29 -15.52 7.14 3.91
N GLY A 30 -14.94 6.01 3.48
CA GLY A 30 -15.05 5.58 2.09
C GLY A 30 -13.99 6.25 1.21
N MET A 31 -13.00 6.91 1.84
CA MET A 31 -11.95 7.62 1.10
C MET A 31 -10.57 7.08 1.49
N CYS A 32 -9.59 7.36 0.64
CA CYS A 32 -8.22 6.93 0.87
C CYS A 32 -7.58 7.80 1.97
N SER A 33 -6.27 7.67 2.18
CA SER A 33 -5.58 8.45 3.23
C SER A 33 -5.35 9.91 2.83
N VAL A 34 -5.34 10.18 1.53
CA VAL A 34 -5.10 11.53 1.03
C VAL A 34 -6.31 12.46 1.20
N CYS A 35 -7.47 12.00 0.76
CA CYS A 35 -8.70 12.79 0.83
C CYS A 35 -9.33 12.76 2.23
N TYR A 36 -9.02 11.72 3.00
CA TYR A 36 -9.56 11.56 4.36
C TYR A 36 -9.18 12.73 5.27
N LYS A 37 -7.90 13.10 5.29
CA LYS A 37 -7.44 14.20 6.14
C LYS A 37 -7.92 15.53 5.58
N GLU A 38 -7.80 15.68 4.25
CA GLU A 38 -8.20 16.92 3.58
C GLU A 38 -9.67 17.29 3.88
N HIS A 39 -10.55 16.29 3.93
CA HIS A 39 -11.97 16.56 4.19
C HIS A 39 -12.26 16.64 5.71
N LEU A 40 -11.53 15.85 6.49
CA LEU A 40 -11.71 15.81 7.95
C LEU A 40 -11.39 17.18 8.58
N GLN A 41 -10.46 17.91 7.96
CA GLN A 41 -10.06 19.22 8.47
C GLN A 41 -11.21 20.24 8.39
N ARG A 42 -11.97 20.18 7.29
CA ARG A 42 -13.10 21.10 7.10
C ARG A 42 -14.32 20.64 7.91
N GLN A 43 -14.46 19.33 8.09
CA GLN A 43 -15.58 18.78 8.86
C GLN A 43 -15.35 19.00 10.35
N GLN A 44 -14.09 18.88 10.79
CA GLN A 44 -13.74 19.06 12.19
C GLN A 44 -13.79 20.55 12.58
N ASN A 45 -13.30 21.40 11.68
CA ASN A 45 -13.27 22.85 11.94
C ASN A 45 -14.70 23.40 12.00
N SER A 46 -15.55 22.96 11.08
CA SER A 46 -16.94 23.41 11.03
C SER A 46 -17.75 22.79 12.16
N MET B 1 1.85 -7.38 10.92
CA MET B 1 1.37 -8.44 10.01
C MET B 1 2.49 -8.82 9.01
N GLN B 2 2.51 -10.10 8.64
CA GLN B 2 3.47 -10.54 7.63
C GLN B 2 2.78 -10.56 6.25
N ILE B 3 3.61 -10.24 5.25
CA ILE B 3 3.19 -10.36 3.85
C ILE B 3 4.39 -11.00 3.11
N PHE B 4 4.06 -11.56 1.95
CA PHE B 4 5.08 -12.28 1.16
C PHE B 4 5.34 -11.52 -0.15
N VAL B 5 6.62 -11.47 -0.50
CA VAL B 5 7.08 -10.83 -1.75
C VAL B 5 7.82 -11.89 -2.56
N LYS B 6 7.10 -12.41 -3.55
CA LYS B 6 7.65 -13.41 -4.48
C LYS B 6 8.55 -12.72 -5.52
N THR B 7 9.72 -13.34 -5.70
CA THR B 7 10.63 -12.92 -6.77
C THR B 7 10.51 -13.94 -7.90
N LEU B 8 11.05 -13.56 -9.07
CA LEU B 8 10.90 -14.37 -10.29
C LEU B 8 11.84 -15.58 -10.35
N THR B 9 12.86 -15.56 -9.50
CA THR B 9 13.71 -16.74 -9.23
C THR B 9 12.86 -17.88 -8.63
N GLY B 10 11.86 -17.48 -7.82
CA GLY B 10 10.95 -18.43 -7.15
C GLY B 10 10.97 -18.24 -5.63
N LYS B 11 12.07 -17.70 -5.12
CA LYS B 11 12.23 -17.41 -3.68
C LYS B 11 11.13 -16.41 -3.24
N THR B 12 10.74 -16.57 -1.97
CA THR B 12 9.71 -15.70 -1.35
C THR B 12 10.34 -15.02 -0.13
N ILE B 13 10.16 -13.70 -0.11
CA ILE B 13 10.60 -12.86 1.02
C ILE B 13 9.40 -12.72 1.96
N THR B 14 9.63 -12.96 3.24
CA THR B 14 8.61 -12.68 4.28
C THR B 14 9.02 -11.38 4.97
N LEU B 15 8.04 -10.49 5.07
CA LEU B 15 8.23 -9.20 5.76
C LEU B 15 7.20 -9.00 6.88
N GLU B 16 7.69 -8.37 7.95
CA GLU B 16 6.85 -7.89 9.06
C GLU B 16 6.60 -6.39 8.87
N VAL B 17 5.35 -6.08 8.53
CA VAL B 17 4.95 -4.72 8.19
C VAL B 17 3.69 -4.27 8.96
N GLU B 18 3.34 -3.01 8.71
CA GLU B 18 2.07 -2.41 9.13
C GLU B 18 1.37 -1.87 7.87
N SER B 19 0.04 -1.81 7.92
CA SER B 19 -0.76 -1.24 6.81
C SER B 19 -0.46 0.24 6.57
N SER B 20 -0.05 0.92 7.65
CA SER B 20 0.37 2.33 7.64
C SER B 20 1.73 2.61 6.96
N ASP B 21 2.49 1.55 6.67
CA ASP B 21 3.78 1.71 5.97
C ASP B 21 3.61 2.25 4.56
N THR B 22 4.41 3.29 4.28
CA THR B 22 4.49 3.87 2.94
C THR B 22 5.19 2.85 2.02
N ILE B 23 4.87 2.93 0.72
CA ILE B 23 5.52 2.07 -0.29
C ILE B 23 7.04 2.26 -0.30
N ASP B 24 7.45 3.52 -0.16
CA ASP B 24 8.88 3.87 -0.05
C ASP B 24 9.54 3.16 1.14
N ASN B 25 8.82 3.10 2.25
CA ASN B 25 9.26 2.41 3.47
C ASN B 25 9.43 0.89 3.26
N VAL B 26 8.51 0.31 2.50
CA VAL B 26 8.57 -1.13 2.11
C VAL B 26 9.82 -1.39 1.25
N LYS B 27 10.03 -0.56 0.23
CA LYS B 27 11.17 -0.69 -0.68
C LYS B 27 12.52 -0.60 0.06
N SER B 28 12.54 0.26 1.08
CA SER B 28 13.68 0.37 2.01
C SER B 28 13.89 -0.92 2.83
N LYS B 29 12.78 -1.55 3.23
CA LYS B 29 12.79 -2.87 3.90
C LYS B 29 13.33 -3.98 2.99
N ILE B 30 13.04 -3.86 1.68
CA ILE B 30 13.58 -4.77 0.64
C ILE B 30 15.09 -4.58 0.50
N GLN B 31 15.52 -3.32 0.47
CA GLN B 31 16.95 -2.97 0.43
C GLN B 31 17.69 -3.54 1.65
N ASP B 32 17.00 -3.53 2.79
CA ASP B 32 17.50 -4.10 4.04
C ASP B 32 17.68 -5.62 4.04
N LYS B 33 16.93 -6.33 3.20
CA LYS B 33 17.06 -7.78 3.09
C LYS B 33 17.85 -8.26 1.86
N GLU B 34 17.65 -7.58 0.74
CA GLU B 34 18.23 -8.01 -0.55
C GLU B 34 19.43 -7.19 -1.02
N GLY B 35 19.44 -5.91 -0.64
CA GLY B 35 20.48 -4.95 -1.07
C GLY B 35 20.09 -4.17 -2.33
N ILE B 36 18.87 -4.43 -2.80
CA ILE B 36 18.31 -3.76 -4.00
C ILE B 36 18.01 -2.28 -3.68
N PRO B 37 18.56 -1.38 -4.49
CA PRO B 37 18.28 0.07 -4.41
C PRO B 37 16.77 0.31 -4.61
N PRO B 38 16.15 1.07 -3.69
CA PRO B 38 14.71 1.40 -3.72
C PRO B 38 14.24 2.09 -5.02
N ASP B 39 15.13 2.95 -5.54
CA ASP B 39 14.89 3.70 -6.79
C ASP B 39 15.09 2.87 -8.07
N GLN B 40 15.13 1.55 -7.91
CA GLN B 40 15.17 0.60 -9.04
C GLN B 40 14.09 -0.49 -8.90
N GLN B 41 13.24 -0.33 -7.89
CA GLN B 41 12.15 -1.28 -7.59
C GLN B 41 10.83 -0.73 -8.12
N ARG B 42 10.10 -1.62 -8.80
CA ARG B 42 8.72 -1.36 -9.23
C ARG B 42 7.83 -2.46 -8.66
N LEU B 43 7.02 -2.06 -7.68
CA LEU B 43 6.14 -3.00 -6.96
C LEU B 43 4.71 -3.00 -7.54
N ILE B 44 4.19 -4.21 -7.69
CA ILE B 44 2.85 -4.44 -8.26
C ILE B 44 1.98 -5.17 -7.22
N PHE B 45 0.73 -4.74 -7.18
CA PHE B 45 -0.34 -5.43 -6.45
C PHE B 45 -1.69 -5.08 -7.06
N ALA B 46 -2.45 -6.13 -7.38
CA ALA B 46 -3.81 -6.01 -7.96
C ALA B 46 -3.80 -5.24 -9.30
N GLY B 47 -2.79 -5.53 -10.11
CA GLY B 47 -2.59 -4.94 -11.45
C GLY B 47 -2.32 -3.41 -11.42
N LYS B 48 -1.68 -2.97 -10.34
CA LYS B 48 -1.33 -1.56 -10.12
C LYS B 48 0.13 -1.44 -9.70
N GLN B 49 0.80 -0.43 -10.26
CA GLN B 49 2.15 -0.07 -9.83
C GLN B 49 2.05 0.83 -8.60
N LEU B 50 2.82 0.46 -7.58
CA LEU B 50 2.74 1.14 -6.27
C LEU B 50 3.56 2.44 -6.27
N GLU B 51 2.92 3.47 -5.73
CA GLU B 51 3.46 4.83 -5.70
C GLU B 51 4.09 5.13 -4.35
N ASP B 52 5.29 5.70 -4.39
CA ASP B 52 6.11 5.93 -3.17
C ASP B 52 5.38 6.65 -2.03
N GLY B 53 4.67 7.74 -2.39
CA GLY B 53 3.92 8.56 -1.44
C GLY B 53 2.56 8.02 -1.02
N ARG B 54 2.25 6.78 -1.42
CA ARG B 54 1.00 6.11 -1.03
C ARG B 54 1.33 5.04 0.02
N THR B 55 0.31 4.43 0.59
CA THR B 55 0.49 3.41 1.63
C THR B 55 -0.18 2.10 1.24
N LEU B 56 0.10 1.05 2.03
CA LEU B 56 -0.49 -0.29 1.78
C LEU B 56 -2.02 -0.29 1.83
N SER B 57 -2.56 0.49 2.78
CA SER B 57 -4.01 0.65 2.96
C SER B 57 -4.65 1.27 1.72
N ASP B 58 -3.91 2.15 1.03
CA ASP B 58 -4.42 2.85 -0.17
C ASP B 58 -4.68 1.89 -1.34
N TYR B 59 -4.13 0.69 -1.26
CA TYR B 59 -4.30 -0.33 -2.31
C TYR B 59 -5.06 -1.54 -1.77
N ASN B 60 -5.51 -1.44 -0.52
CA ASN B 60 -6.27 -2.50 0.16
C ASN B 60 -5.40 -3.74 0.45
N ILE B 61 -4.10 -3.50 0.54
CA ILE B 61 -3.10 -4.52 0.92
C ILE B 61 -3.24 -4.75 2.43
N GLN B 62 -3.81 -5.90 2.78
CA GLN B 62 -4.04 -6.25 4.17
C GLN B 62 -3.05 -7.33 4.63
N LYS B 63 -3.29 -7.87 5.83
CA LYS B 63 -2.41 -8.92 6.38
C LYS B 63 -2.49 -10.15 5.49
N GLU B 64 -1.33 -10.80 5.30
CA GLU B 64 -1.21 -12.05 4.52
C GLU B 64 -1.30 -11.86 3.00
N SER B 65 -1.31 -10.60 2.56
CA SER B 65 -1.30 -10.27 1.12
C SER B 65 0.08 -10.59 0.55
N THR B 66 0.08 -11.10 -0.68
CA THR B 66 1.35 -11.33 -1.38
C THR B 66 1.40 -10.50 -2.66
N LEU B 67 2.54 -9.82 -2.78
CA LEU B 67 2.88 -8.95 -3.90
C LEU B 67 3.95 -9.65 -4.74
N HIS B 68 4.14 -9.11 -5.94
CA HIS B 68 5.20 -9.59 -6.84
C HIS B 68 6.20 -8.46 -7.11
N LEU B 69 7.45 -8.91 -7.31
CA LEU B 69 8.57 -8.03 -7.60
C LEU B 69 9.11 -8.33 -9.00
N VAL B 70 9.27 -7.24 -9.78
CA VAL B 70 9.90 -7.29 -11.09
C VAL B 70 11.17 -6.43 -10.96
N LEU B 71 12.27 -6.93 -11.53
CA LEU B 71 13.55 -6.27 -11.40
C LEU B 71 13.79 -5.34 -12.59
ZN ZN C . -9.51 9.22 -2.71
#